data_1Q13
#
_entry.id   1Q13
#
_cell.length_a   57.210
_cell.length_b   84.046
_cell.length_c   66.249
_cell.angle_alpha   90.00
_cell.angle_beta   91.17
_cell.angle_gamma   90.00
#
_symmetry.space_group_name_H-M   'P 1 21 1'
#
loop_
_entity.id
_entity.type
_entity.pdbx_description
1 polymer 'Prostaglandin-E2 9-reductase'
2 non-polymer 'SULFATE ION'
3 non-polymer 'NADP NICOTINAMIDE-ADENINE-DINUCLEOTIDE PHOSPHATE'
4 non-polymer TESTOSTERONE
5 water water
#
_entity_poly.entity_id   1
_entity_poly.type   'polypeptide(L)'
_entity_poly.pdbx_seq_one_letter_code
;MDPKFQRVALSDGHFIPVLGFGTYAPEEVPKSKAMEATKIAIDAGFRHIDSAYFYKNEKEVGLAIRSKIADGTVKREDIF
YTSKLWCTFHRPELVRPSLEDSLKNLQLDYVDLYIIHFPTALKPGVEIIPTDEHGKAIFDTVDICATWEAMEKCKDAGLA
KSIGVSNFNRRQLEMILNKPGLKYKPVCNQVECHPYLNQGKLLEFCKSKGIVLVAYSALGSHREPEWVDQSAPVLLEDPL
IGALAKKHQQTPALIALRYQLQRGIVVLAKSFTEKRIKENIQVFEFQLPSEDMKVIDSLNRNFRYVTADFAIGHPNYPFS
DEY
;
_entity_poly.pdbx_strand_id   A,B
#
loop_
_chem_comp.id
_chem_comp.type
_chem_comp.name
_chem_comp.formula
NAP non-polymer 'NADP NICOTINAMIDE-ADENINE-DINUCLEOTIDE PHOSPHATE' 'C21 H28 N7 O17 P3'
SO4 non-polymer 'SULFATE ION' 'O4 S -2'
TES non-polymer TESTOSTERONE 'C19 H28 O2'
#
# COMPACT_ATOMS: atom_id res chain seq x y z
N ASP A 2 21.86 -28.61 11.08
CA ASP A 2 22.18 -27.15 11.03
C ASP A 2 21.34 -26.39 12.05
N PRO A 3 21.89 -26.09 13.22
CA PRO A 3 21.07 -25.60 14.33
C PRO A 3 20.25 -24.34 13.99
N LYS A 4 20.55 -23.70 12.86
CA LYS A 4 19.88 -22.43 12.56
C LYS A 4 18.48 -22.68 11.99
N PHE A 5 18.20 -23.93 11.68
CA PHE A 5 16.86 -24.33 11.27
C PHE A 5 16.03 -24.90 12.42
N GLN A 6 16.51 -24.76 13.66
CA GLN A 6 15.81 -25.33 14.80
C GLN A 6 14.45 -24.67 15.11
N ARG A 7 13.47 -25.50 15.50
CA ARG A 7 12.08 -25.06 15.77
C ARG A 7 11.65 -25.48 17.16
N VAL A 8 10.66 -24.78 17.72
CA VAL A 8 10.05 -25.18 18.98
C VAL A 8 8.69 -25.75 18.68
N ALA A 9 8.27 -26.74 19.47
CA ALA A 9 6.98 -27.34 19.28
C ALA A 9 5.86 -26.38 19.69
N LEU A 10 4.88 -26.19 18.80
CA LEU A 10 3.63 -25.50 19.16
C LEU A 10 2.58 -26.50 19.72
N SER A 11 1.63 -26.02 20.55
CA SER A 11 0.73 -26.93 21.31
C SER A 11 -0.21 -27.65 20.35
N ASP A 12 -0.28 -27.13 19.12
CA ASP A 12 -1.16 -27.72 18.12
C ASP A 12 -0.44 -28.68 17.15
N GLY A 13 0.82 -29.00 17.48
CA GLY A 13 1.57 -30.01 16.77
C GLY A 13 2.38 -29.43 15.60
N HIS A 14 2.26 -28.13 15.36
CA HIS A 14 3.04 -27.44 14.38
C HIS A 14 4.35 -26.99 15.01
N PHE A 15 5.31 -26.64 14.17
CA PHE A 15 6.63 -26.20 14.64
C PHE A 15 6.99 -24.81 14.20
N ILE A 16 7.57 -24.01 15.08
CA ILE A 16 7.95 -22.66 14.67
C ILE A 16 9.45 -22.46 14.86
N PRO A 17 10.12 -22.03 13.79
CA PRO A 17 11.52 -21.61 13.90
C PRO A 17 11.75 -20.64 15.06
N VAL A 18 12.79 -20.91 15.81
CA VAL A 18 13.00 -20.18 17.08
C VAL A 18 13.51 -18.73 16.93
N LEU A 19 13.94 -18.41 15.73
CA LEU A 19 14.39 -17.10 15.29
C LEU A 19 13.58 -16.73 14.05
N GLY A 20 13.02 -15.52 14.03
CA GLY A 20 12.17 -15.06 12.93
C GLY A 20 12.64 -13.75 12.35
N PHE A 21 12.44 -13.55 11.06
CA PHE A 21 12.83 -12.31 10.37
C PHE A 21 11.69 -11.30 10.50
N GLY A 22 11.99 -10.08 10.91
CA GLY A 22 10.94 -9.13 11.28
C GLY A 22 10.84 -8.22 10.10
N THR A 23 9.67 -7.73 9.72
CA THR A 23 9.58 -7.05 8.36
C THR A 23 8.99 -5.68 8.50
N TYR A 24 8.75 -5.24 9.74
CA TYR A 24 8.18 -3.93 9.87
C TYR A 24 9.32 -2.94 9.61
N ALA A 25 8.99 -1.85 8.74
CA ALA A 25 9.81 -0.64 8.89
C ALA A 25 8.94 0.63 8.93
N PRO A 26 9.48 1.70 9.52
CA PRO A 26 8.84 3.03 9.53
C PRO A 26 8.21 3.40 8.21
N GLU A 27 7.09 4.12 8.28
CA GLU A 27 6.30 4.35 7.11
C GLU A 27 7.13 4.92 5.96
N GLU A 28 8.17 5.71 6.26
CA GLU A 28 8.93 6.38 5.21
C GLU A 28 9.76 5.41 4.33
N VAL A 29 9.93 4.18 4.82
CA VAL A 29 10.76 3.17 4.18
C VAL A 29 9.87 2.42 3.22
N PRO A 30 10.20 2.46 1.91
CA PRO A 30 9.40 1.81 0.89
C PRO A 30 9.16 0.32 1.15
N LYS A 31 7.97 -0.16 0.87
CA LYS A 31 7.77 -1.55 1.21
C LYS A 31 8.71 -2.49 0.38
N SER A 32 9.25 -1.99 -0.74
CA SER A 32 10.18 -2.80 -1.55
C SER A 32 11.42 -3.27 -0.77
N LYS A 33 11.80 -2.48 0.27
CA LYS A 33 13.01 -2.87 1.03
C LYS A 33 12.71 -4.20 1.75
N ALA A 34 11.49 -4.33 2.24
CA ALA A 34 11.10 -5.57 2.92
C ALA A 34 11.29 -6.74 1.95
N MET A 35 10.82 -6.54 0.71
CA MET A 35 11.03 -7.48 -0.41
C MET A 35 12.49 -7.89 -0.69
N GLU A 36 13.33 -6.85 -0.92
CA GLU A 36 14.74 -7.10 -1.05
C GLU A 36 15.37 -7.76 0.19
N ALA A 37 15.02 -7.26 1.39
CA ALA A 37 15.51 -7.81 2.68
C ALA A 37 15.01 -9.21 3.01
N THR A 38 13.74 -9.49 2.70
CA THR A 38 13.27 -10.86 2.90
C THR A 38 14.00 -11.85 1.94
N LYS A 39 14.25 -11.48 0.69
CA LYS A 39 15.00 -12.39 -0.17
C LYS A 39 16.35 -12.69 0.52
N ILE A 40 17.07 -11.65 0.91
CA ILE A 40 18.39 -11.84 1.52
C ILE A 40 18.31 -12.65 2.81
N ALA A 41 17.25 -12.44 3.61
CA ALA A 41 17.12 -13.16 4.84
C ALA A 41 16.93 -14.62 4.57
N ILE A 42 16.30 -14.95 3.44
CA ILE A 42 15.99 -16.35 3.18
C ILE A 42 17.23 -17.05 2.73
N ASP A 43 18.00 -16.36 1.89
CA ASP A 43 19.31 -16.82 1.50
C ASP A 43 20.24 -17.08 2.68
N ALA A 44 20.09 -16.26 3.71
CA ALA A 44 20.88 -16.41 4.94
C ALA A 44 20.46 -17.58 5.77
N GLY A 45 19.25 -18.06 5.54
CA GLY A 45 18.70 -19.18 6.27
C GLY A 45 17.49 -18.82 7.12
N PHE A 46 17.01 -17.59 7.04
CA PHE A 46 15.82 -17.28 7.85
C PHE A 46 14.70 -18.09 7.23
N ARG A 47 13.76 -18.60 8.02
CA ARG A 47 12.63 -19.36 7.39
C ARG A 47 11.32 -18.80 7.92
N HIS A 48 11.36 -18.37 9.19
CA HIS A 48 10.25 -17.77 9.90
C HIS A 48 10.27 -16.28 9.60
N ILE A 49 9.19 -15.83 8.95
CA ILE A 49 9.03 -14.46 8.47
C ILE A 49 7.83 -13.81 9.24
N ASP A 50 8.05 -12.72 9.96
CA ASP A 50 6.97 -12.04 10.66
C ASP A 50 6.49 -10.77 10.01
N SER A 51 5.20 -10.73 9.61
CA SER A 51 4.56 -9.53 9.07
C SER A 51 3.20 -9.32 9.70
N ALA A 52 2.35 -8.59 8.99
CA ALA A 52 1.06 -8.17 9.58
C ALA A 52 0.32 -7.32 8.61
N TYR A 53 -1.00 -7.32 8.71
CA TYR A 53 -1.82 -6.58 7.74
C TYR A 53 -1.36 -5.14 7.84
N PHE A 54 -1.08 -4.75 9.11
CA PHE A 54 -0.66 -3.42 9.48
C PHE A 54 0.58 -2.96 8.75
N TYR A 55 1.49 -3.85 8.35
CA TYR A 55 2.76 -3.36 7.80
C TYR A 55 2.60 -3.05 6.28
N LYS A 56 1.44 -3.36 5.71
CA LYS A 56 1.14 -3.06 4.26
C LYS A 56 2.31 -3.38 3.34
N ASN A 57 2.87 -4.56 3.50
CA ASN A 57 4.08 -4.99 2.83
C ASN A 57 3.89 -6.43 2.48
N GLU A 58 2.64 -6.88 2.44
CA GLU A 58 2.36 -8.29 2.27
C GLU A 58 2.46 -8.71 0.81
N LYS A 59 2.11 -7.83 -0.09
CA LYS A 59 2.38 -8.12 -1.48
C LYS A 59 3.89 -8.18 -1.74
N GLU A 60 4.65 -7.34 -1.00
CA GLU A 60 6.10 -7.30 -1.23
C GLU A 60 6.81 -8.52 -0.62
N VAL A 61 6.37 -8.91 0.55
CA VAL A 61 6.99 -10.01 1.25
C VAL A 61 6.63 -11.27 0.46
N GLY A 62 5.41 -11.33 -0.04
CA GLY A 62 4.98 -12.51 -0.77
C GLY A 62 5.74 -12.70 -2.09
N LEU A 63 6.02 -11.62 -2.79
CA LEU A 63 6.88 -11.72 -3.95
C LEU A 63 8.25 -12.29 -3.56
N ALA A 64 8.87 -11.69 -2.57
CA ALA A 64 10.11 -12.21 -2.03
C ALA A 64 9.99 -13.70 -1.82
N ILE A 65 9.07 -14.09 -0.83
CA ILE A 65 8.95 -15.52 -0.59
C ILE A 65 8.68 -16.32 -1.84
N ARG A 66 7.86 -15.80 -2.74
CA ARG A 66 7.55 -16.59 -3.96
C ARG A 66 8.79 -16.63 -4.93
N SER A 67 9.58 -15.55 -4.91
CA SER A 67 10.95 -15.54 -5.55
C SER A 67 11.85 -16.63 -4.97
N LYS A 68 11.84 -16.74 -3.63
CA LYS A 68 12.83 -17.65 -3.12
C LYS A 68 12.47 -19.17 -3.46
N ILE A 69 11.20 -19.37 -3.85
CA ILE A 69 10.63 -20.71 -4.04
C ILE A 69 10.87 -21.05 -5.52
N ALA A 70 10.58 -20.12 -6.41
CA ALA A 70 10.74 -20.37 -7.88
C ALA A 70 12.17 -20.71 -8.33
N ASP A 71 13.18 -20.33 -7.53
CA ASP A 71 14.65 -20.48 -7.90
C ASP A 71 15.22 -21.69 -7.04
N GLY A 72 14.36 -22.69 -6.54
CA GLY A 72 14.87 -23.78 -5.68
C GLY A 72 15.28 -23.45 -4.23
N THR A 73 15.63 -22.21 -3.93
CA THR A 73 16.06 -21.93 -2.53
C THR A 73 15.26 -22.67 -1.46
N VAL A 74 13.96 -22.48 -1.43
CA VAL A 74 13.15 -23.04 -0.34
C VAL A 74 11.91 -23.70 -0.92
N LYS A 75 11.21 -24.50 -0.11
CA LYS A 75 9.89 -25.01 -0.48
C LYS A 75 8.90 -24.22 0.37
N ARG A 76 7.61 -24.19 -0.01
CA ARG A 76 6.65 -23.42 0.80
C ARG A 76 6.68 -23.88 2.25
N GLU A 77 6.90 -25.17 2.47
CA GLU A 77 6.76 -25.77 3.77
C GLU A 77 8.02 -25.59 4.63
N ASP A 78 9.09 -25.08 4.01
CA ASP A 78 10.28 -24.62 4.74
C ASP A 78 10.03 -23.25 5.30
N ILE A 79 9.21 -22.45 4.63
CA ILE A 79 8.89 -21.11 5.12
C ILE A 79 7.77 -21.12 6.22
N PHE A 80 7.94 -20.32 7.24
CA PHE A 80 6.95 -20.17 8.32
C PHE A 80 6.57 -18.70 8.39
N TYR A 81 5.44 -18.33 7.71
CA TYR A 81 5.01 -16.94 7.57
C TYR A 81 3.94 -16.58 8.64
N THR A 82 4.11 -15.44 9.29
CA THR A 82 3.14 -14.95 10.27
C THR A 82 2.51 -13.69 9.78
N SER A 83 1.20 -13.57 10.03
CA SER A 83 0.56 -12.28 9.75
C SER A 83 -0.34 -12.05 10.90
N LYS A 84 -1.01 -10.91 10.90
CA LYS A 84 -1.72 -10.51 12.13
C LYS A 84 -3.00 -9.78 11.82
N LEU A 85 -4.06 -10.18 12.51
CA LEU A 85 -5.34 -9.49 12.44
C LEU A 85 -5.24 -8.10 13.03
N TRP A 86 -5.33 -7.08 12.17
CA TRP A 86 -5.38 -5.71 12.66
C TRP A 86 -6.65 -5.41 13.49
N CYS A 87 -6.57 -4.42 14.41
CA CYS A 87 -7.70 -4.16 15.32
C CYS A 87 -8.96 -3.66 14.69
N THR A 88 -8.97 -3.33 13.36
CA THR A 88 -10.15 -2.77 12.74
C THR A 88 -10.95 -3.90 12.16
N PHE A 89 -10.44 -5.12 12.35
CA PHE A 89 -11.13 -6.31 11.88
C PHE A 89 -11.42 -7.31 13.03
N HIS A 90 -11.57 -6.86 14.26
CA HIS A 90 -11.84 -7.84 15.30
C HIS A 90 -13.24 -8.49 15.13
N ARG A 91 -14.13 -7.83 14.36
CA ARG A 91 -15.51 -8.29 14.30
C ARG A 91 -15.52 -9.57 13.53
N PRO A 92 -16.06 -10.63 14.13
CA PRO A 92 -15.92 -12.00 13.61
C PRO A 92 -16.05 -12.08 12.06
N GLU A 93 -17.11 -11.48 11.55
CA GLU A 93 -17.41 -11.49 10.15
C GLU A 93 -16.33 -10.72 9.35
N LEU A 94 -15.45 -9.94 10.01
CA LEU A 94 -14.33 -9.36 9.27
C LEU A 94 -13.02 -10.19 9.32
N VAL A 95 -12.96 -11.17 10.23
CA VAL A 95 -11.74 -11.96 10.44
C VAL A 95 -11.30 -12.82 9.23
N ARG A 96 -12.15 -13.72 8.73
CA ARG A 96 -11.68 -14.47 7.52
C ARG A 96 -11.40 -13.58 6.32
N PRO A 97 -12.31 -12.65 6.00
CA PRO A 97 -12.09 -11.86 4.76
C PRO A 97 -10.80 -11.07 4.89
N SER A 98 -10.40 -10.72 6.12
CA SER A 98 -9.13 -10.02 6.27
C SER A 98 -7.99 -10.98 5.85
N LEU A 99 -8.05 -12.19 6.41
CA LEU A 99 -6.97 -13.16 6.21
C LEU A 99 -6.90 -13.63 4.79
N GLU A 100 -8.07 -13.81 4.15
CA GLU A 100 -8.07 -14.15 2.75
C GLU A 100 -7.55 -12.95 2.00
N ASP A 101 -7.68 -11.77 2.62
CA ASP A 101 -7.27 -10.64 1.80
C ASP A 101 -5.75 -10.66 1.67
N SER A 102 -5.14 -10.91 2.80
CA SER A 102 -3.71 -11.07 3.00
C SER A 102 -3.09 -12.18 2.24
N LEU A 103 -3.73 -13.36 2.25
CA LEU A 103 -3.40 -14.44 1.24
C LEU A 103 -3.47 -14.03 -0.20
N LYS A 104 -4.46 -13.23 -0.57
CA LYS A 104 -4.59 -12.88 -2.03
C LYS A 104 -3.42 -11.98 -2.43
N ASN A 105 -3.07 -11.10 -1.51
CA ASN A 105 -1.92 -10.23 -1.62
C ASN A 105 -0.61 -11.02 -1.62
N LEU A 106 -0.53 -12.01 -0.71
CA LEU A 106 0.69 -12.79 -0.56
C LEU A 106 0.90 -13.73 -1.75
N GLN A 107 -0.21 -13.98 -2.48
CA GLN A 107 -0.36 -15.12 -3.39
C GLN A 107 0.12 -16.40 -2.70
N LEU A 108 -0.25 -16.59 -1.42
CA LEU A 108 -0.07 -17.94 -0.89
C LEU A 108 -1.38 -18.54 -0.49
N ASP A 109 -1.41 -19.86 -0.34
CA ASP A 109 -2.64 -20.55 0.12
C ASP A 109 -2.96 -20.49 1.63
N TYR A 110 -1.95 -20.29 2.45
CA TYR A 110 -2.23 -20.13 3.87
C TYR A 110 -1.10 -19.37 4.48
N VAL A 111 -1.35 -18.93 5.69
CA VAL A 111 -0.29 -18.41 6.53
C VAL A 111 -0.05 -19.46 7.59
N ASP A 112 1.20 -19.58 8.08
CA ASP A 112 1.52 -20.62 9.06
C ASP A 112 1.07 -20.18 10.45
N LEU A 113 0.97 -18.87 10.63
CA LEU A 113 0.49 -18.38 11.90
C LEU A 113 -0.32 -17.12 11.63
N TYR A 114 -1.56 -17.12 12.08
CA TYR A 114 -2.32 -15.88 12.05
C TYR A 114 -2.58 -15.57 13.53
N ILE A 115 -2.27 -14.36 13.99
CA ILE A 115 -2.50 -13.91 15.37
C ILE A 115 -3.26 -12.56 15.50
N ILE A 116 -3.95 -12.40 16.64
CA ILE A 116 -4.63 -11.13 16.93
C ILE A 116 -3.57 -10.15 17.33
N HIS A 117 -3.49 -9.01 16.68
CA HIS A 117 -2.35 -8.14 16.82
C HIS A 117 -2.33 -7.46 18.17
N PHE A 118 -3.49 -6.94 18.58
CA PHE A 118 -3.71 -6.34 19.89
C PHE A 118 -5.06 -6.77 20.30
N PRO A 119 -5.30 -6.80 21.64
CA PRO A 119 -6.61 -7.17 22.13
C PRO A 119 -7.62 -6.03 22.04
N THR A 120 -7.22 -4.88 21.55
CA THR A 120 -8.11 -3.74 21.60
C THR A 120 -8.77 -3.56 20.27
N ALA A 121 -10.09 -3.78 20.18
CA ALA A 121 -10.76 -3.57 18.89
C ALA A 121 -10.97 -2.05 18.65
N LEU A 122 -10.88 -1.65 17.40
CA LEU A 122 -11.13 -0.27 16.95
C LEU A 122 -12.20 -0.26 15.83
N LYS A 123 -12.76 0.92 15.55
CA LYS A 123 -13.87 1.01 14.59
C LYS A 123 -13.48 0.67 13.17
N PRO A 124 -14.20 -0.29 12.63
CA PRO A 124 -13.96 -0.76 11.28
C PRO A 124 -14.04 0.41 10.30
N GLY A 125 -13.65 0.15 9.06
CA GLY A 125 -13.78 1.12 7.96
C GLY A 125 -12.42 1.31 7.27
N VAL A 126 -12.25 2.47 6.62
CA VAL A 126 -11.12 2.68 5.68
C VAL A 126 -9.82 3.20 6.31
N GLU A 127 -9.89 3.75 7.53
CA GLU A 127 -8.69 4.21 8.23
C GLU A 127 -8.05 3.03 8.98
N ILE A 128 -6.72 3.01 9.06
CA ILE A 128 -6.07 1.87 9.69
C ILE A 128 -6.18 2.03 11.21
N ILE A 129 -5.85 3.22 11.71
CA ILE A 129 -6.22 3.67 13.03
C ILE A 129 -7.07 4.91 12.80
N PRO A 130 -8.37 4.72 12.73
CA PRO A 130 -9.28 5.87 12.66
C PRO A 130 -9.21 6.70 13.97
N THR A 131 -9.22 8.03 13.82
CA THR A 131 -9.22 8.98 14.92
C THR A 131 -10.28 10.06 14.66
N ASP A 132 -10.76 10.68 15.74
CA ASP A 132 -11.82 11.68 15.66
C ASP A 132 -11.30 13.08 15.30
N GLU A 133 -12.17 14.10 15.43
CA GLU A 133 -11.74 15.50 15.23
C GLU A 133 -10.54 15.72 16.14
N HIS A 134 -10.19 14.67 16.87
CA HIS A 134 -8.78 14.45 17.12
C HIS A 134 -8.22 13.17 17.71
N GLY A 135 -6.90 13.28 17.47
CA GLY A 135 -5.88 12.41 18.02
C GLY A 135 -6.42 11.03 18.30
N LYS A 136 -7.45 10.94 19.12
CA LYS A 136 -7.74 9.64 19.72
C LYS A 136 -8.39 8.70 18.75
N ALA A 137 -7.83 7.50 18.71
CA ALA A 137 -8.42 6.39 17.96
C ALA A 137 -9.88 6.30 18.37
N ILE A 138 -10.69 5.67 17.53
CA ILE A 138 -12.05 5.37 17.88
C ILE A 138 -12.12 3.91 18.25
N PHE A 139 -12.45 3.68 19.51
CA PHE A 139 -12.61 2.34 20.03
C PHE A 139 -13.92 1.75 19.50
N ASP A 140 -13.96 0.43 19.45
CA ASP A 140 -15.15 -0.31 19.03
C ASP A 140 -15.25 -1.30 20.14
N THR A 141 -16.43 -1.83 20.42
CA THR A 141 -16.54 -2.83 21.48
C THR A 141 -16.86 -4.21 20.91
N VAL A 142 -15.83 -5.06 20.84
CA VAL A 142 -15.93 -6.45 20.33
C VAL A 142 -15.36 -7.42 21.38
N ASP A 143 -16.11 -8.48 21.69
CA ASP A 143 -15.69 -9.49 22.68
C ASP A 143 -14.47 -10.23 22.10
N ILE A 144 -13.36 -10.27 22.82
CA ILE A 144 -12.15 -10.94 22.33
C ILE A 144 -12.37 -12.43 22.03
N CYS A 145 -13.17 -13.10 22.86
CA CYS A 145 -13.49 -14.53 22.65
C CYS A 145 -14.21 -14.75 21.31
N ALA A 146 -14.98 -13.77 20.90
CA ALA A 146 -15.75 -13.93 19.68
C ALA A 146 -14.76 -13.75 18.53
N THR A 147 -13.92 -12.71 18.60
CA THR A 147 -12.79 -12.67 17.67
C THR A 147 -12.04 -14.01 17.63
N TRP A 148 -11.88 -14.63 18.81
CA TRP A 148 -11.10 -15.87 18.94
C TRP A 148 -11.75 -16.96 18.16
N GLU A 149 -13.07 -17.06 18.29
CA GLU A 149 -13.79 -18.13 17.63
C GLU A 149 -13.63 -18.00 16.12
N ALA A 150 -13.71 -16.77 15.62
CA ALA A 150 -13.54 -16.48 14.22
C ALA A 150 -12.16 -16.92 13.77
N MET A 151 -11.20 -16.90 14.69
CA MET A 151 -9.84 -17.29 14.32
C MET A 151 -9.70 -18.80 14.25
N GLU A 152 -10.33 -19.47 15.22
CA GLU A 152 -10.40 -20.93 15.25
C GLU A 152 -10.96 -21.40 13.91
N LYS A 153 -11.87 -20.62 13.36
CA LYS A 153 -12.51 -21.03 12.11
C LYS A 153 -11.59 -20.85 10.89
N CYS A 154 -10.66 -19.92 11.05
CA CYS A 154 -9.60 -19.71 10.09
C CYS A 154 -8.64 -20.91 10.02
N LYS A 155 -8.21 -21.40 11.18
CA LYS A 155 -7.52 -22.69 11.33
C LYS A 155 -8.29 -23.86 10.69
N ASP A 156 -9.55 -24.01 11.08
CA ASP A 156 -10.34 -25.14 10.61
C ASP A 156 -10.48 -25.09 9.08
N ALA A 157 -10.54 -23.89 8.53
CA ALA A 157 -10.60 -23.65 7.09
C ALA A 157 -9.28 -23.93 6.36
N GLY A 158 -8.22 -24.16 7.13
CA GLY A 158 -6.92 -24.45 6.54
C GLY A 158 -6.23 -23.19 6.03
N LEU A 159 -6.83 -22.02 6.31
CA LEU A 159 -6.25 -20.68 6.02
C LEU A 159 -4.96 -20.28 6.78
N ALA A 160 -4.93 -20.67 8.05
CA ALA A 160 -3.85 -20.45 9.01
C ALA A 160 -3.58 -21.81 9.60
N LYS A 161 -2.34 -22.29 9.53
CA LYS A 161 -1.99 -23.54 10.18
C LYS A 161 -2.05 -23.35 11.70
N SER A 162 -1.68 -22.19 12.20
CA SER A 162 -1.65 -22.01 13.67
C SER A 162 -2.30 -20.69 14.03
N ILE A 163 -2.86 -20.58 15.21
CA ILE A 163 -3.42 -19.30 15.60
C ILE A 163 -2.93 -18.85 16.97
N GLY A 164 -2.77 -17.53 17.12
CA GLY A 164 -2.39 -17.02 18.44
C GLY A 164 -2.68 -15.55 18.69
N VAL A 165 -2.00 -14.94 19.66
CA VAL A 165 -2.36 -13.60 19.99
C VAL A 165 -1.11 -12.79 20.09
N SER A 166 -1.24 -11.51 20.44
CA SER A 166 -0.11 -10.59 20.48
C SER A 166 -0.44 -9.49 21.44
N ASN A 167 0.49 -9.13 22.29
CA ASN A 167 0.23 -8.02 23.19
C ASN A 167 -0.95 -8.31 24.12
N PHE A 168 -1.16 -9.56 24.49
CA PHE A 168 -2.18 -9.83 25.57
C PHE A 168 -1.49 -9.83 26.95
N ASN A 169 -2.20 -9.43 28.00
CA ASN A 169 -1.64 -9.66 29.31
C ASN A 169 -2.18 -10.98 29.77
N ARG A 170 -1.80 -11.39 30.99
CA ARG A 170 -2.23 -12.63 31.58
C ARG A 170 -3.75 -12.74 31.67
N ARG A 171 -4.37 -11.71 32.26
CA ARG A 171 -5.83 -11.65 32.36
C ARG A 171 -6.45 -11.98 31.01
N GLN A 172 -5.88 -11.40 29.92
CA GLN A 172 -6.53 -11.59 28.60
C GLN A 172 -6.29 -12.98 27.95
N LEU A 173 -5.10 -13.53 28.17
CA LEU A 173 -4.87 -14.94 27.86
C LEU A 173 -5.83 -15.85 28.61
N GLU A 174 -5.94 -15.66 29.93
CA GLU A 174 -6.90 -16.44 30.76
C GLU A 174 -8.32 -16.40 30.21
N MET A 175 -8.71 -15.24 29.70
CA MET A 175 -10.06 -15.10 29.16
C MET A 175 -10.23 -16.07 27.99
N ILE A 176 -9.26 -16.10 27.07
CA ILE A 176 -9.33 -17.06 25.98
C ILE A 176 -9.21 -18.51 26.42
N LEU A 177 -8.22 -18.75 27.29
CA LEU A 177 -7.99 -20.08 27.85
C LEU A 177 -9.26 -20.62 28.41
N ASN A 178 -10.08 -19.73 28.96
CA ASN A 178 -11.09 -20.10 29.99
C ASN A 178 -12.48 -20.06 29.30
N LYS A 179 -12.46 -19.69 28.02
CA LYS A 179 -13.61 -19.69 27.12
C LYS A 179 -14.34 -21.01 27.13
N PRO A 180 -15.61 -21.00 27.63
CA PRO A 180 -16.46 -22.18 27.47
C PRO A 180 -16.44 -22.52 25.99
N GLY A 181 -16.06 -23.76 25.64
CA GLY A 181 -16.17 -24.24 24.27
C GLY A 181 -14.94 -23.99 23.42
N LEU A 182 -13.81 -23.73 24.06
CA LEU A 182 -12.59 -23.41 23.31
C LEU A 182 -12.11 -24.58 22.44
N LYS A 183 -11.90 -24.37 21.14
CA LYS A 183 -11.41 -25.47 20.30
C LYS A 183 -9.88 -25.46 20.32
N TYR A 184 -9.34 -24.27 20.12
CA TYR A 184 -7.90 -24.09 19.99
C TYR A 184 -7.34 -23.05 21.00
N LYS A 185 -6.22 -23.42 21.59
CA LYS A 185 -5.55 -22.46 22.47
C LYS A 185 -4.63 -21.63 21.60
N PRO A 186 -4.43 -20.36 21.96
CA PRO A 186 -3.39 -19.58 21.30
C PRO A 186 -2.06 -20.28 21.49
N VAL A 187 -1.38 -20.52 20.38
CA VAL A 187 -0.09 -21.20 20.43
C VAL A 187 1.02 -20.26 20.91
N CYS A 188 0.85 -18.95 20.81
CA CYS A 188 1.89 -17.99 21.17
C CYS A 188 1.29 -16.72 21.64
N ASN A 189 2.06 -15.96 22.38
CA ASN A 189 1.75 -14.58 22.76
C ASN A 189 3.02 -13.84 22.34
N GLN A 190 2.92 -13.04 21.27
CA GLN A 190 4.03 -12.30 20.75
C GLN A 190 3.98 -10.97 21.38
N VAL A 191 5.07 -10.66 22.17
CA VAL A 191 5.10 -9.44 22.98
C VAL A 191 6.47 -8.78 22.93
N GLU A 192 6.51 -7.49 23.16
CA GLU A 192 7.77 -6.86 23.36
C GLU A 192 8.58 -7.61 24.47
N CYS A 193 9.87 -7.87 24.18
CA CYS A 193 10.75 -8.57 25.07
C CYS A 193 12.22 -8.28 24.77
N HIS A 194 12.92 -7.84 25.82
CA HIS A 194 14.34 -7.48 25.71
C HIS A 194 14.79 -7.24 27.16
N PRO A 195 16.09 -7.07 27.34
CA PRO A 195 16.65 -6.96 28.66
C PRO A 195 16.07 -5.82 29.47
N TYR A 196 15.47 -4.83 28.79
CA TYR A 196 14.87 -3.77 29.62
C TYR A 196 13.43 -4.09 30.09
N LEU A 197 12.82 -5.13 29.52
CA LEU A 197 11.46 -5.54 29.80
C LEU A 197 11.49 -7.01 29.51
N ASN A 198 12.16 -7.76 30.37
CA ASN A 198 12.43 -9.17 30.12
C ASN A 198 11.18 -10.08 30.19
N GLN A 199 10.11 -9.60 30.88
CA GLN A 199 8.83 -10.32 30.80
C GLN A 199 8.86 -11.60 31.63
N GLY A 200 9.58 -11.60 32.75
CA GLY A 200 9.79 -12.82 33.48
C GLY A 200 8.52 -13.43 34.13
N LYS A 201 7.61 -12.58 34.64
CA LYS A 201 6.30 -13.12 35.06
C LYS A 201 5.39 -13.56 33.86
N LEU A 202 5.28 -12.69 32.85
CA LEU A 202 4.46 -13.21 31.70
C LEU A 202 5.03 -14.55 31.23
N LEU A 203 6.35 -14.65 31.16
CA LEU A 203 6.99 -15.80 30.45
C LEU A 203 6.68 -17.08 31.26
N GLU A 204 6.81 -16.96 32.55
CA GLU A 204 6.51 -18.08 33.45
C GLU A 204 5.06 -18.46 33.27
N PHE A 205 4.19 -17.45 33.28
CA PHE A 205 2.81 -17.77 33.02
C PHE A 205 2.65 -18.50 31.67
N CYS A 206 3.21 -17.94 30.57
CA CYS A 206 2.96 -18.58 29.27
C CYS A 206 3.39 -20.01 29.29
N LYS A 207 4.63 -20.24 29.73
CA LYS A 207 5.14 -21.61 29.85
C LYS A 207 4.20 -22.55 30.63
N SER A 208 3.84 -22.16 31.84
CA SER A 208 2.96 -23.04 32.63
C SER A 208 1.69 -23.37 31.83
N LYS A 209 1.37 -22.53 30.86
CA LYS A 209 0.16 -22.79 30.07
C LYS A 209 0.47 -23.41 28.76
N GLY A 210 1.75 -23.57 28.44
CA GLY A 210 2.17 -24.17 27.16
C GLY A 210 2.09 -23.21 26.01
N ILE A 211 2.02 -21.93 26.33
CA ILE A 211 2.03 -20.92 25.26
C ILE A 211 3.44 -20.40 24.96
N VAL A 212 3.80 -20.32 23.69
CA VAL A 212 5.09 -19.81 23.32
C VAL A 212 5.04 -18.28 23.33
N LEU A 213 5.98 -17.69 24.07
CA LEU A 213 6.26 -16.27 24.02
C LEU A 213 7.21 -15.97 22.85
N VAL A 214 6.77 -15.11 21.92
CA VAL A 214 7.56 -14.66 20.77
C VAL A 214 7.91 -13.21 20.98
N ALA A 215 9.19 -12.84 20.96
CA ALA A 215 9.58 -11.50 21.39
C ALA A 215 9.81 -10.59 20.18
N TYR A 216 9.25 -9.38 20.28
CA TYR A 216 9.55 -8.37 19.31
C TYR A 216 10.26 -7.25 20.02
N SER A 217 10.83 -6.36 19.21
CA SER A 217 11.70 -5.30 19.77
C SER A 217 12.79 -5.89 20.68
N ALA A 218 13.13 -7.16 20.43
CA ALA A 218 14.25 -7.79 21.12
C ALA A 218 15.59 -7.03 20.83
N LEU A 219 15.71 -6.29 19.69
CA LEU A 219 16.90 -5.41 19.46
C LEU A 219 16.72 -3.94 19.87
N GLY A 220 15.61 -3.59 20.50
CA GLY A 220 15.43 -2.26 21.07
C GLY A 220 14.47 -1.37 20.29
N SER A 221 13.84 -1.97 19.28
CA SER A 221 12.84 -1.33 18.44
C SER A 221 13.44 -0.33 17.46
N HIS A 222 12.62 0.25 16.57
CA HIS A 222 13.08 1.40 15.76
C HIS A 222 13.06 2.71 16.53
N ARG A 223 12.54 2.68 17.76
CA ARG A 223 12.49 3.88 18.60
C ARG A 223 11.70 5.09 18.04
N GLU A 224 10.53 4.84 17.44
CA GLU A 224 9.67 5.93 16.96
C GLU A 224 8.55 6.24 17.93
N PRO A 225 7.78 7.29 17.69
CA PRO A 225 8.23 8.48 16.97
C PRO A 225 9.02 9.37 17.88
N GLU A 226 10.05 9.98 17.32
CA GLU A 226 10.70 11.10 17.94
C GLU A 226 10.69 11.03 19.50
N TRP A 227 9.53 11.19 20.15
CA TRP A 227 9.51 11.29 21.63
C TRP A 227 10.11 10.09 22.35
N VAL A 228 9.81 8.88 21.88
CA VAL A 228 10.46 7.68 22.40
C VAL A 228 11.95 7.63 22.06
N ASP A 229 12.29 7.90 20.80
CA ASP A 229 13.69 7.91 20.40
C ASP A 229 14.40 8.93 21.27
N GLN A 230 13.65 9.94 21.68
CA GLN A 230 14.18 11.00 22.49
C GLN A 230 14.62 10.59 23.88
N SER A 231 13.92 9.68 24.54
CA SER A 231 14.29 9.41 25.93
C SER A 231 14.36 7.94 26.32
N ALA A 232 13.98 7.06 25.41
CA ALA A 232 14.11 5.66 25.67
C ALA A 232 15.60 5.29 25.66
N PRO A 233 16.05 4.51 26.63
CA PRO A 233 17.40 4.00 26.59
C PRO A 233 17.56 3.25 25.28
N VAL A 234 18.80 3.17 24.80
CA VAL A 234 19.13 2.48 23.57
C VAL A 234 19.71 1.10 23.81
N LEU A 235 18.98 0.06 23.42
CA LEU A 235 19.39 -1.26 23.85
C LEU A 235 20.78 -1.62 23.48
N LEU A 236 21.06 -1.53 22.19
CA LEU A 236 22.29 -2.09 21.64
C LEU A 236 23.58 -1.37 22.14
N GLU A 237 23.41 -0.17 22.68
CA GLU A 237 24.53 0.52 23.25
C GLU A 237 24.65 0.32 24.77
N ASP A 238 23.89 -0.60 25.37
CA ASP A 238 24.01 -0.75 26.86
C ASP A 238 25.38 -1.21 27.30
N PRO A 239 26.06 -0.46 28.15
CA PRO A 239 27.47 -0.74 28.35
C PRO A 239 27.70 -2.18 28.84
N LEU A 240 26.67 -2.71 29.66
CA LEU A 240 26.81 -4.11 30.12
C LEU A 240 26.53 -5.19 28.99
N ILE A 241 25.65 -4.88 28.06
CA ILE A 241 25.49 -5.75 26.87
C ILE A 241 26.78 -5.71 25.99
N GLY A 242 27.35 -4.53 25.82
CA GLY A 242 28.70 -4.43 25.25
C GLY A 242 29.79 -5.29 25.90
N ALA A 243 29.93 -5.22 27.25
CA ALA A 243 30.92 -6.03 27.96
C ALA A 243 30.76 -7.49 27.59
N LEU A 244 29.49 -7.91 27.48
CA LEU A 244 29.14 -9.29 27.22
C LEU A 244 29.46 -9.68 25.78
N ALA A 245 29.28 -8.75 24.85
CA ALA A 245 29.58 -9.05 23.44
C ALA A 245 31.09 -9.18 23.29
N LYS A 246 31.81 -8.32 23.99
CA LYS A 246 33.27 -8.36 23.95
C LYS A 246 33.75 -9.69 24.48
N LYS A 247 33.25 -10.07 25.65
CA LYS A 247 33.68 -11.32 26.26
C LYS A 247 33.43 -12.55 25.38
N HIS A 248 32.26 -12.63 24.72
CA HIS A 248 31.98 -13.73 23.80
C HIS A 248 32.36 -13.42 22.35
N GLN A 249 33.07 -12.31 22.13
CA GLN A 249 33.44 -11.92 20.75
C GLN A 249 32.24 -11.88 19.87
N GLN A 250 31.22 -11.17 20.34
CA GLN A 250 29.99 -11.13 19.61
C GLN A 250 29.63 -9.65 19.27
N THR A 251 28.37 -9.35 18.98
CA THR A 251 27.92 -7.97 18.94
C THR A 251 26.84 -7.87 19.99
N PRO A 252 26.56 -6.66 20.45
CA PRO A 252 25.38 -6.38 21.25
C PRO A 252 24.09 -7.08 20.76
N ALA A 253 23.79 -7.00 19.49
CA ALA A 253 22.57 -7.52 18.92
C ALA A 253 22.49 -9.01 19.18
N LEU A 254 23.65 -9.64 18.98
CA LEU A 254 23.82 -11.06 19.12
C LEU A 254 23.62 -11.47 20.55
N ILE A 255 24.16 -10.71 21.52
CA ILE A 255 23.87 -10.98 22.94
C ILE A 255 22.40 -10.91 23.23
N ALA A 256 21.74 -9.93 22.59
CA ALA A 256 20.34 -9.70 23.00
C ALA A 256 19.48 -10.79 22.39
N LEU A 257 19.83 -11.23 21.17
CA LEU A 257 19.09 -12.30 20.51
C LEU A 257 19.28 -13.60 21.29
N ARG A 258 20.55 -13.95 21.56
CA ARG A 258 20.86 -15.19 22.23
C ARG A 258 20.35 -15.25 23.72
N TYR A 259 20.26 -14.11 24.40
CA TYR A 259 19.54 -14.08 25.71
C TYR A 259 18.12 -14.67 25.61
N GLN A 260 17.39 -14.23 24.60
CA GLN A 260 15.99 -14.67 24.42
C GLN A 260 15.84 -16.18 24.13
N LEU A 261 16.70 -16.65 23.24
CA LEU A 261 16.69 -18.05 22.86
C LEU A 261 16.94 -18.95 24.10
N GLN A 262 17.88 -18.56 24.93
CA GLN A 262 18.18 -19.37 26.14
C GLN A 262 17.11 -19.38 27.22
N ARG A 263 16.08 -18.58 27.02
CA ARG A 263 14.92 -18.59 27.91
C ARG A 263 13.73 -19.33 27.22
N GLY A 264 14.01 -19.99 26.09
CA GLY A 264 12.98 -20.66 25.31
C GLY A 264 11.99 -19.67 24.75
N ILE A 265 12.47 -18.46 24.56
CA ILE A 265 11.69 -17.49 23.77
C ILE A 265 11.95 -17.71 22.28
N VAL A 266 10.92 -17.62 21.42
CA VAL A 266 11.12 -17.39 20.00
C VAL A 266 11.31 -15.91 19.74
N VAL A 267 12.44 -15.55 19.10
CA VAL A 267 12.83 -14.17 19.07
C VAL A 267 12.85 -13.65 17.59
N LEU A 268 12.29 -12.48 17.41
CA LEU A 268 12.20 -11.85 16.13
C LEU A 268 13.41 -10.91 16.01
N ALA A 269 13.81 -10.62 14.74
CA ALA A 269 14.93 -9.72 14.46
C ALA A 269 14.81 -9.09 13.08
N LYS A 270 14.64 -7.79 13.05
CA LYS A 270 14.38 -7.10 11.85
C LYS A 270 15.69 -6.41 11.46
N SER A 271 16.18 -6.70 10.25
CA SER A 271 17.20 -5.87 9.62
C SER A 271 17.02 -5.88 8.09
N PHE A 272 17.10 -4.71 7.48
CA PHE A 272 17.03 -4.63 6.05
C PHE A 272 18.45 -4.40 5.53
N THR A 273 19.42 -4.57 6.44
CA THR A 273 20.86 -4.41 6.11
C THR A 273 21.49 -5.76 5.84
N GLU A 274 21.82 -6.04 4.59
CA GLU A 274 22.36 -7.36 4.38
C GLU A 274 23.33 -7.90 5.51
N LYS A 275 24.30 -7.11 5.89
CA LYS A 275 25.35 -7.57 6.76
C LYS A 275 24.79 -7.93 8.14
N ARG A 276 23.76 -7.20 8.59
CA ARG A 276 23.22 -7.42 9.97
C ARG A 276 22.23 -8.59 9.87
N ILE A 277 21.69 -8.82 8.69
CA ILE A 277 20.87 -10.02 8.47
C ILE A 277 21.73 -11.30 8.61
N LYS A 278 22.88 -11.35 7.90
CA LYS A 278 23.81 -12.48 8.02
C LYS A 278 24.30 -12.60 9.52
N GLU A 279 24.47 -11.44 10.16
CA GLU A 279 24.98 -11.40 11.55
C GLU A 279 23.94 -12.00 12.50
N ASN A 280 22.74 -11.45 12.46
CA ASN A 280 21.68 -11.94 13.34
C ASN A 280 21.53 -13.46 13.26
N ILE A 281 21.68 -14.06 12.07
CA ILE A 281 21.54 -15.53 12.07
C ILE A 281 22.71 -16.34 12.68
N GLN A 282 23.78 -15.64 13.15
CA GLN A 282 24.85 -16.34 13.86
C GLN A 282 24.53 -16.51 15.38
N VAL A 283 23.35 -16.06 15.75
CA VAL A 283 22.94 -16.17 17.09
C VAL A 283 23.10 -17.61 17.59
N PHE A 284 23.00 -18.55 16.64
CA PHE A 284 23.08 -19.98 16.87
C PHE A 284 24.53 -20.46 16.95
N GLU A 285 25.50 -19.57 16.75
CA GLU A 285 26.91 -19.99 16.79
C GLU A 285 27.65 -19.87 18.17
N PHE A 286 26.90 -19.55 19.22
CA PHE A 286 27.48 -19.48 20.56
C PHE A 286 26.38 -19.52 21.62
N GLN A 287 26.81 -19.73 22.86
CA GLN A 287 25.89 -19.68 23.99
C GLN A 287 26.43 -18.81 25.09
N LEU A 288 25.57 -18.46 26.04
CA LEU A 288 25.97 -17.66 27.19
C LEU A 288 25.86 -18.56 28.40
N PRO A 289 26.79 -18.48 29.31
CA PRO A 289 26.67 -19.27 30.55
C PRO A 289 25.55 -18.67 31.41
N SER A 290 24.99 -19.50 32.29
CA SER A 290 23.93 -19.05 33.23
C SER A 290 24.26 -17.77 33.99
N GLU A 291 25.55 -17.56 34.30
CA GLU A 291 25.94 -16.40 35.10
C GLU A 291 25.79 -15.13 34.27
N ASP A 292 25.86 -15.27 32.94
CA ASP A 292 25.74 -14.10 32.08
C ASP A 292 24.26 -13.75 31.94
N MET A 293 23.40 -14.77 31.74
CA MET A 293 21.95 -14.60 31.76
C MET A 293 21.46 -13.84 33.07
N LYS A 294 22.04 -14.18 34.20
CA LYS A 294 21.64 -13.54 35.51
C LYS A 294 22.12 -12.05 35.63
N VAL A 295 23.27 -11.77 35.02
CA VAL A 295 23.67 -10.38 34.82
C VAL A 295 22.78 -9.63 33.79
N ILE A 296 22.24 -10.30 32.78
CA ILE A 296 21.41 -9.58 31.84
C ILE A 296 20.10 -9.39 32.52
N ASP A 297 19.75 -10.36 33.38
CA ASP A 297 18.50 -10.21 34.13
C ASP A 297 18.48 -8.91 34.89
N SER A 298 19.62 -8.43 35.27
CA SER A 298 19.63 -7.25 36.13
C SER A 298 19.25 -5.96 35.41
N LEU A 299 19.34 -5.97 34.06
CA LEU A 299 18.97 -4.82 33.26
C LEU A 299 17.50 -4.50 33.24
N ASN A 300 16.65 -5.51 33.50
CA ASN A 300 15.21 -5.26 33.58
C ASN A 300 14.79 -3.99 34.32
N ARG A 301 13.96 -3.17 33.67
CA ARG A 301 13.46 -1.95 34.34
C ARG A 301 11.97 -1.73 34.08
N ASN A 302 11.39 -2.72 33.38
CA ASN A 302 10.02 -2.61 32.93
C ASN A 302 9.77 -1.38 32.02
N PHE A 303 10.70 -1.16 31.13
CA PHE A 303 10.48 -0.07 30.14
C PHE A 303 9.91 -0.63 28.83
N ARG A 304 8.88 0.03 28.27
CA ARG A 304 8.22 -0.34 27.03
C ARG A 304 8.54 0.58 25.84
N TYR A 305 9.18 0.03 24.85
CA TYR A 305 9.20 0.73 23.52
C TYR A 305 7.86 0.88 22.78
N VAL A 306 6.90 -0.01 23.05
CA VAL A 306 5.57 0.11 22.46
C VAL A 306 4.52 0.15 23.59
N THR A 307 4.04 1.36 23.94
CA THR A 307 2.90 1.54 24.84
C THR A 307 1.59 1.59 24.00
N ALA A 308 1.70 1.63 22.67
CA ALA A 308 0.46 1.57 21.85
C ALA A 308 -0.56 2.60 22.33
N ASP A 309 -0.14 3.88 22.37
CA ASP A 309 -0.82 4.95 23.19
C ASP A 309 -2.26 5.16 22.69
N PHE A 310 -2.41 4.88 21.39
CA PHE A 310 -3.65 5.02 20.64
C PHE A 310 -4.84 4.26 21.26
N ALA A 311 -4.49 3.14 21.96
CA ALA A 311 -5.49 2.35 22.73
C ALA A 311 -5.56 2.72 24.23
N ILE A 312 -4.90 3.80 24.64
CA ILE A 312 -5.11 4.25 26.07
C ILE A 312 -6.55 4.62 26.25
N GLY A 313 -7.13 4.28 27.41
CA GLY A 313 -8.55 4.44 27.69
C GLY A 313 -9.44 3.35 27.08
N HIS A 314 -8.85 2.44 26.36
CA HIS A 314 -9.61 1.27 25.93
C HIS A 314 -9.82 0.29 27.13
N PRO A 315 -11.04 -0.24 27.21
CA PRO A 315 -11.36 -1.41 28.02
C PRO A 315 -10.32 -2.51 28.10
N ASN A 316 -9.79 -2.89 26.96
CA ASN A 316 -8.79 -3.96 26.82
C ASN A 316 -7.32 -3.53 26.60
N TYR A 317 -6.99 -2.29 26.93
CA TYR A 317 -5.57 -1.86 26.84
C TYR A 317 -4.74 -2.81 27.75
N PRO A 318 -3.75 -3.49 27.16
CA PRO A 318 -3.06 -4.59 27.84
C PRO A 318 -2.07 -4.21 28.94
N PHE A 319 -1.48 -3.04 28.83
CA PHE A 319 -0.27 -2.75 29.59
C PHE A 319 -0.49 -2.17 30.96
N SER A 320 -1.73 -2.11 31.42
CA SER A 320 -1.97 -1.56 32.74
C SER A 320 -1.58 -2.53 33.88
N ASP A 321 -1.83 -3.83 33.66
CA ASP A 321 -1.68 -4.83 34.75
C ASP A 321 -0.20 -5.06 34.92
N GLU A 322 0.25 -5.45 36.12
CA GLU A 322 1.67 -5.80 36.27
C GLU A 322 2.11 -6.67 35.09
N TYR A 323 1.30 -7.61 34.71
CA TYR A 323 1.67 -8.49 33.56
C TYR A 323 0.43 -9.30 33.23
N ASP B 2 -22.27 27.18 -23.59
CA ASP B 2 -22.90 25.88 -23.18
C ASP B 2 -22.00 25.32 -22.13
N PRO B 3 -22.56 25.08 -20.94
CA PRO B 3 -21.77 24.69 -19.78
C PRO B 3 -20.96 23.42 -20.04
N LYS B 4 -21.23 22.72 -21.13
CA LYS B 4 -20.46 21.53 -21.43
C LYS B 4 -19.05 21.86 -21.94
N PHE B 5 -18.81 23.12 -22.26
CA PHE B 5 -17.47 23.56 -22.67
C PHE B 5 -16.66 24.17 -21.50
N GLN B 6 -17.20 24.04 -20.30
CA GLN B 6 -16.60 24.67 -19.13
C GLN B 6 -15.21 24.07 -18.79
N ARG B 7 -14.33 24.93 -18.26
CA ARG B 7 -12.95 24.56 -18.00
C ARG B 7 -12.53 25.02 -16.60
N VAL B 8 -11.47 24.45 -16.06
CA VAL B 8 -10.98 24.88 -14.74
C VAL B 8 -9.56 25.42 -14.85
N ALA B 9 -9.32 26.55 -14.21
CA ALA B 9 -8.00 27.19 -14.21
C ALA B 9 -6.89 26.23 -13.80
N LEU B 10 -5.79 26.21 -14.56
CA LEU B 10 -4.60 25.47 -14.18
C LEU B 10 -3.68 26.47 -13.53
N SER B 11 -2.87 26.01 -12.58
CA SER B 11 -1.89 26.89 -11.91
C SER B 11 -1.08 27.72 -12.92
N ASP B 12 -0.88 27.20 -14.12
CA ASP B 12 0.01 27.86 -15.06
C ASP B 12 -0.65 28.85 -16.03
N GLY B 13 -1.92 29.17 -15.81
CA GLY B 13 -2.60 30.14 -16.63
C GLY B 13 -3.33 29.48 -17.79
N HIS B 14 -3.17 28.18 -17.95
CA HIS B 14 -3.94 27.43 -18.94
C HIS B 14 -5.23 26.89 -18.35
N PHE B 15 -6.14 26.46 -19.23
CA PHE B 15 -7.45 25.96 -18.79
C PHE B 15 -7.75 24.57 -19.32
N ILE B 16 -8.32 23.74 -18.45
CA ILE B 16 -8.67 22.38 -18.82
C ILE B 16 -10.18 22.12 -18.71
N PRO B 17 -10.77 21.64 -19.79
CA PRO B 17 -12.18 21.20 -19.76
C PRO B 17 -12.41 20.18 -18.66
N VAL B 18 -13.43 20.41 -17.84
CA VAL B 18 -13.65 19.62 -16.63
C VAL B 18 -14.10 18.17 -16.90
N LEU B 19 -14.49 17.90 -18.14
CA LEU B 19 -14.88 16.56 -18.54
C LEU B 19 -14.00 16.22 -19.71
N GLY B 20 -13.38 15.05 -19.68
CA GLY B 20 -12.44 14.66 -20.73
C GLY B 20 -12.79 13.29 -21.27
N PHE B 21 -12.57 13.08 -22.55
CA PHE B 21 -12.87 11.79 -23.17
C PHE B 21 -11.68 10.88 -23.00
N GLY B 22 -11.88 9.64 -22.56
CA GLY B 22 -10.78 8.73 -22.29
C GLY B 22 -10.62 7.80 -23.49
N THR B 23 -9.39 7.44 -23.80
CA THR B 23 -9.19 6.69 -25.08
C THR B 23 -8.53 5.35 -24.86
N TYR B 24 -8.38 4.93 -23.59
CA TYR B 24 -7.81 3.62 -23.39
C TYR B 24 -8.85 2.54 -23.62
N ALA B 25 -8.38 1.35 -23.94
CA ALA B 25 -9.24 0.19 -24.11
C ALA B 25 -8.36 -1.05 -24.12
N PRO B 26 -8.92 -2.20 -23.72
CA PRO B 26 -8.17 -3.47 -23.77
C PRO B 26 -7.56 -3.82 -25.14
N GLU B 27 -6.42 -4.47 -25.03
CA GLU B 27 -5.70 -5.08 -26.12
C GLU B 27 -6.53 -5.40 -27.39
N GLU B 28 -7.61 -6.16 -27.22
CA GLU B 28 -8.37 -6.80 -28.28
C GLU B 28 -9.16 -5.84 -29.17
N VAL B 29 -9.53 -4.69 -28.61
CA VAL B 29 -10.17 -3.58 -29.31
C VAL B 29 -9.19 -2.90 -30.24
N PRO B 30 -9.55 -2.82 -31.54
CA PRO B 30 -8.67 -2.19 -32.54
C PRO B 30 -8.45 -0.70 -32.28
N LYS B 31 -7.30 -0.16 -32.74
CA LYS B 31 -7.10 1.26 -32.46
C LYS B 31 -8.05 2.11 -33.30
N SER B 32 -8.54 1.55 -34.39
CA SER B 32 -9.49 2.31 -35.19
C SER B 32 -10.70 2.73 -34.31
N LYS B 33 -11.11 1.88 -33.36
CA LYS B 33 -12.33 2.22 -32.59
C LYS B 33 -12.10 3.50 -31.73
N ALA B 34 -10.88 3.69 -31.25
CA ALA B 34 -10.53 4.94 -30.58
C ALA B 34 -10.74 6.06 -31.60
N MET B 35 -10.11 5.85 -32.79
CA MET B 35 -10.29 6.80 -33.90
C MET B 35 -11.74 7.15 -34.14
N GLU B 36 -12.60 6.13 -34.21
CA GLU B 36 -14.00 6.39 -34.44
C GLU B 36 -14.71 7.11 -33.29
N ALA B 37 -14.46 6.65 -32.07
CA ALA B 37 -15.11 7.21 -30.88
C ALA B 37 -14.72 8.66 -30.62
N THR B 38 -13.44 8.98 -30.81
CA THR B 38 -13.02 10.36 -30.65
C THR B 38 -13.70 11.32 -31.68
N LYS B 39 -13.87 10.88 -32.94
CA LYS B 39 -14.61 11.69 -33.92
C LYS B 39 -16.06 11.97 -33.41
N ILE B 40 -16.69 10.95 -32.82
CA ILE B 40 -18.04 11.08 -32.27
C ILE B 40 -18.03 11.87 -30.96
N ALA B 41 -17.00 11.63 -30.15
CA ALA B 41 -16.87 12.38 -28.91
C ALA B 41 -16.81 13.86 -29.23
N ILE B 42 -16.10 14.21 -30.29
CA ILE B 42 -15.93 15.61 -30.64
C ILE B 42 -17.15 16.23 -31.27
N ASP B 43 -17.87 15.46 -32.09
CA ASP B 43 -19.14 15.97 -32.49
C ASP B 43 -20.11 16.23 -31.33
N ALA B 44 -20.03 15.39 -30.30
CA ALA B 44 -20.88 15.47 -29.09
C ALA B 44 -20.52 16.62 -28.18
N GLY B 45 -19.34 17.21 -28.35
CA GLY B 45 -19.01 18.28 -27.41
C GLY B 45 -17.72 18.04 -26.68
N PHE B 46 -17.14 16.87 -26.83
CA PHE B 46 -15.97 16.56 -26.04
C PHE B 46 -14.83 17.41 -26.52
N ARG B 47 -13.97 17.91 -25.61
CA ARG B 47 -12.87 18.71 -26.15
C ARG B 47 -11.55 18.26 -25.60
N HIS B 48 -11.59 17.92 -24.33
CA HIS B 48 -10.49 17.33 -23.61
C HIS B 48 -10.48 15.83 -24.02
N ILE B 49 -9.34 15.37 -24.56
CA ILE B 49 -9.14 14.00 -24.97
C ILE B 49 -7.96 13.40 -24.25
N ASP B 50 -8.13 12.29 -23.58
CA ASP B 50 -7.02 11.78 -22.81
C ASP B 50 -6.40 10.56 -23.51
N SER B 51 -5.14 10.65 -23.91
CA SER B 51 -4.44 9.45 -24.27
C SER B 51 -3.08 9.29 -23.55
N ALA B 52 -2.21 8.49 -24.14
CA ALA B 52 -0.88 8.22 -23.64
C ALA B 52 -0.03 7.50 -24.69
N TYR B 53 1.28 7.59 -24.51
CA TYR B 53 2.17 6.75 -25.29
C TYR B 53 1.77 5.28 -25.11
N PHE B 54 1.50 4.89 -23.84
CA PHE B 54 1.08 3.54 -23.49
C PHE B 54 -0.12 2.97 -24.29
N TYR B 55 -1.10 3.80 -24.63
CA TYR B 55 -2.29 3.24 -25.27
C TYR B 55 -2.09 2.92 -26.78
N LYS B 56 -0.92 3.25 -27.33
CA LYS B 56 -0.59 3.01 -28.78
C LYS B 56 -1.79 3.21 -29.64
N ASN B 57 -2.34 4.41 -29.61
CA ASN B 57 -3.49 4.80 -30.38
C ASN B 57 -3.31 6.23 -30.75
N GLU B 58 -2.08 6.77 -30.61
CA GLU B 58 -1.85 8.19 -30.88
C GLU B 58 -1.95 8.51 -32.43
N LYS B 59 -1.51 7.58 -33.26
CA LYS B 59 -1.71 7.84 -34.72
C LYS B 59 -3.21 7.99 -34.93
N GLU B 60 -3.99 7.04 -34.29
CA GLU B 60 -5.43 7.01 -34.59
C GLU B 60 -6.19 8.17 -33.92
N VAL B 61 -5.84 8.49 -32.67
CA VAL B 61 -6.44 9.63 -31.99
C VAL B 61 -5.93 10.88 -32.71
N GLY B 62 -4.69 10.84 -33.14
CA GLY B 62 -4.25 11.93 -34.02
C GLY B 62 -5.17 12.18 -35.21
N LEU B 63 -5.40 11.15 -36.04
CA LEU B 63 -6.29 11.28 -37.21
C LEU B 63 -7.65 11.84 -36.88
N ALA B 64 -8.29 11.24 -35.85
CA ALA B 64 -9.60 11.69 -35.45
C ALA B 64 -9.48 13.20 -35.33
N ILE B 65 -8.26 13.70 -34.84
CA ILE B 65 -8.36 15.12 -34.41
C ILE B 65 -8.18 16.07 -35.55
N ARG B 66 -7.28 15.71 -36.45
CA ARG B 66 -6.99 16.57 -37.56
C ARG B 66 -8.19 16.48 -38.48
N SER B 67 -8.95 15.42 -38.32
CA SER B 67 -10.11 15.19 -39.18
C SER B 67 -11.21 16.15 -38.80
N LYS B 68 -11.39 16.32 -37.46
CA LYS B 68 -12.39 17.23 -36.92
C LYS B 68 -11.87 18.64 -37.07
N ILE B 69 -10.55 18.76 -37.10
CA ILE B 69 -10.00 20.06 -37.42
C ILE B 69 -10.34 20.49 -38.82
N ALA B 70 -9.92 19.70 -39.82
CA ALA B 70 -10.06 19.99 -41.25
C ALA B 70 -11.49 20.01 -41.70
N ASP B 71 -12.41 19.46 -40.89
CA ASP B 71 -13.78 19.50 -41.40
C ASP B 71 -14.47 20.71 -40.79
N GLY B 72 -13.69 21.52 -40.07
CA GLY B 72 -14.19 22.79 -39.57
C GLY B 72 -14.98 22.64 -38.27
N THR B 73 -14.87 21.49 -37.64
CA THR B 73 -15.69 21.22 -36.48
C THR B 73 -15.08 21.85 -35.24
N VAL B 74 -13.77 21.72 -35.13
CA VAL B 74 -13.05 22.39 -34.09
C VAL B 74 -11.81 23.04 -34.70
N LYS B 75 -11.20 23.93 -33.90
CA LYS B 75 -9.89 24.48 -34.19
C LYS B 75 -9.05 23.79 -33.18
N ARG B 76 -7.73 23.76 -33.40
CA ARG B 76 -6.86 22.93 -32.59
C ARG B 76 -6.84 23.50 -31.20
N GLU B 77 -7.00 24.83 -31.11
CA GLU B 77 -7.05 25.50 -29.79
C GLU B 77 -8.26 25.03 -29.01
N ASP B 78 -9.33 24.63 -29.69
CA ASP B 78 -10.54 24.19 -29.02
C ASP B 78 -10.32 22.83 -28.37
N ILE B 79 -9.47 22.03 -29.01
CA ILE B 79 -9.07 20.73 -28.47
C ILE B 79 -8.03 20.81 -27.33
N PHE B 80 -8.24 20.06 -26.25
CA PHE B 80 -7.25 19.98 -25.18
C PHE B 80 -6.80 18.53 -25.16
N TYR B 81 -5.55 18.25 -25.53
CA TYR B 81 -5.11 16.87 -25.75
C TYR B 81 -4.03 16.47 -24.82
N THR B 82 -4.23 15.37 -24.10
CA THR B 82 -3.28 14.96 -23.08
C THR B 82 -2.53 13.76 -23.63
N SER B 83 -1.20 13.77 -23.48
CA SER B 83 -0.51 12.50 -23.52
C SER B 83 0.24 12.21 -22.20
N LYS B 84 0.79 11.00 -22.06
CA LYS B 84 1.60 10.67 -20.90
C LYS B 84 2.94 10.02 -21.15
N LEU B 85 3.93 10.44 -20.36
CA LEU B 85 5.27 9.84 -20.44
C LEU B 85 5.30 8.41 -19.86
N TRP B 86 5.60 7.44 -20.74
CA TRP B 86 5.63 6.08 -20.23
C TRP B 86 6.83 5.83 -19.31
N CYS B 87 6.80 4.73 -18.55
CA CYS B 87 7.82 4.68 -17.45
C CYS B 87 9.19 4.31 -18.01
N THR B 88 9.23 3.88 -19.28
CA THR B 88 10.50 3.47 -19.87
C THR B 88 11.23 4.66 -20.47
N PHE B 89 10.64 5.85 -20.31
CA PHE B 89 11.28 7.07 -20.79
C PHE B 89 11.49 8.12 -19.70
N HIS B 90 11.65 7.68 -18.45
CA HIS B 90 11.80 8.61 -17.34
C HIS B 90 13.16 9.32 -17.37
N ARG B 91 14.18 8.64 -17.91
CA ARG B 91 15.51 9.26 -18.05
C ARG B 91 15.38 10.55 -18.83
N PRO B 92 15.85 11.65 -18.26
CA PRO B 92 15.67 13.00 -18.83
C PRO B 92 15.91 13.08 -20.34
N GLU B 93 17.09 12.62 -20.73
CA GLU B 93 17.44 12.63 -22.12
C GLU B 93 16.36 11.91 -22.95
N LEU B 94 15.54 11.06 -22.31
CA LEU B 94 14.47 10.41 -23.09
C LEU B 94 13.14 11.14 -23.05
N VAL B 95 12.92 11.99 -22.04
CA VAL B 95 11.68 12.77 -21.97
C VAL B 95 11.29 13.52 -23.31
N ARG B 96 12.04 14.54 -23.70
CA ARG B 96 11.69 15.21 -24.97
C ARG B 96 11.51 14.31 -26.17
N PRO B 97 12.45 13.43 -26.50
CA PRO B 97 12.26 12.58 -27.71
C PRO B 97 10.99 11.70 -27.65
N SER B 98 10.56 11.30 -26.44
CA SER B 98 9.30 10.50 -26.30
C SER B 98 8.07 11.32 -26.61
N LEU B 99 8.09 12.60 -26.25
CA LEU B 99 6.97 13.50 -26.48
C LEU B 99 7.01 13.96 -27.95
N GLU B 100 8.22 14.15 -28.44
CA GLU B 100 8.43 14.46 -29.86
C GLU B 100 7.91 13.29 -30.71
N ASP B 101 8.03 12.07 -30.21
CA ASP B 101 7.59 10.93 -31.04
C ASP B 101 6.07 10.84 -30.96
N SER B 102 5.53 11.08 -29.76
CA SER B 102 4.09 11.18 -29.68
C SER B 102 3.54 12.17 -30.71
N LEU B 103 4.13 13.38 -30.75
CA LEU B 103 3.60 14.43 -31.59
C LEU B 103 3.79 14.10 -33.10
N LYS B 104 4.79 13.30 -33.42
CA LYS B 104 5.00 12.80 -34.81
C LYS B 104 3.89 11.81 -35.14
N ASN B 105 3.57 10.92 -34.20
CA ASN B 105 2.42 10.07 -34.48
C ASN B 105 1.12 10.88 -34.63
N LEU B 106 0.87 11.71 -33.63
CA LEU B 106 -0.31 12.57 -33.59
C LEU B 106 -0.42 13.48 -34.81
N GLN B 107 0.70 13.78 -35.47
CA GLN B 107 0.83 14.78 -36.60
C GLN B 107 0.28 16.14 -36.13
N LEU B 108 0.44 16.35 -34.81
CA LEU B 108 0.22 17.67 -34.25
C LEU B 108 1.56 18.39 -33.99
N ASP B 109 1.50 19.70 -33.83
CA ASP B 109 2.64 20.47 -33.25
C ASP B 109 2.95 20.43 -31.75
N TYR B 110 1.94 20.22 -30.92
CA TYR B 110 2.18 20.22 -29.45
C TYR B 110 1.07 19.47 -28.71
N VAL B 111 1.28 19.08 -27.44
CA VAL B 111 0.15 18.55 -26.66
C VAL B 111 -0.24 19.58 -25.62
N ASP B 112 -1.52 19.65 -25.23
CA ASP B 112 -1.93 20.61 -24.20
C ASP B 112 -1.45 20.22 -22.82
N LEU B 113 -1.41 18.92 -22.57
CA LEU B 113 -0.92 18.48 -21.28
C LEU B 113 -0.03 17.27 -21.47
N TYR B 114 1.20 17.36 -20.96
CA TYR B 114 2.03 16.17 -20.88
C TYR B 114 2.20 15.80 -19.38
N ILE B 115 1.93 14.54 -19.02
CA ILE B 115 2.17 14.13 -17.60
C ILE B 115 2.99 12.84 -17.49
N ILE B 116 3.63 12.68 -16.34
CA ILE B 116 4.40 11.50 -16.08
C ILE B 116 3.38 10.49 -15.71
N HIS B 117 3.38 9.37 -16.39
CA HIS B 117 2.30 8.43 -16.24
C HIS B 117 2.26 7.71 -14.87
N PHE B 118 3.44 7.32 -14.37
CA PHE B 118 3.60 6.72 -13.00
C PHE B 118 4.90 7.21 -12.48
N PRO B 119 5.07 7.22 -11.16
CA PRO B 119 6.34 7.62 -10.58
C PRO B 119 7.38 6.52 -10.57
N THR B 120 7.11 5.37 -11.21
CA THR B 120 8.04 4.26 -11.12
C THR B 120 8.77 4.11 -12.45
N ALA B 121 10.07 4.39 -12.48
CA ALA B 121 10.77 4.32 -13.77
C ALA B 121 11.15 2.87 -14.06
N LEU B 122 11.05 2.48 -15.33
CA LEU B 122 11.47 1.16 -15.79
C LEU B 122 12.63 1.23 -16.80
N LYS B 123 13.48 0.21 -16.81
CA LYS B 123 14.60 0.21 -17.75
C LYS B 123 14.13 0.39 -19.23
N PRO B 124 14.82 1.28 -19.93
CA PRO B 124 14.53 1.58 -21.35
C PRO B 124 14.88 0.43 -22.25
N GLY B 125 14.36 0.46 -23.47
CA GLY B 125 14.68 -0.53 -24.49
C GLY B 125 13.38 -0.84 -25.21
N VAL B 126 13.49 -1.56 -26.32
CA VAL B 126 12.37 -1.87 -27.22
C VAL B 126 11.04 -2.18 -26.62
N GLU B 127 11.10 -2.83 -25.45
CA GLU B 127 9.90 -3.38 -24.79
C GLU B 127 9.20 -2.34 -23.92
N ILE B 128 7.88 -2.40 -23.92
CA ILE B 128 7.04 -1.37 -23.33
C ILE B 128 7.04 -1.57 -21.81
N ILE B 129 6.93 -2.82 -21.36
CA ILE B 129 7.35 -3.25 -20.04
C ILE B 129 8.39 -4.37 -20.13
N PRO B 130 9.65 -4.05 -19.79
CA PRO B 130 10.75 -5.01 -19.88
C PRO B 130 10.70 -5.97 -18.71
N THR B 131 11.08 -7.23 -18.95
CA THR B 131 11.04 -8.26 -17.92
C THR B 131 12.00 -9.43 -18.19
N ASP B 132 12.39 -10.13 -17.13
CA ASP B 132 13.13 -11.41 -17.23
C ASP B 132 13.03 -12.07 -15.87
N GLU B 133 12.65 -11.26 -14.88
CA GLU B 133 12.20 -11.82 -13.63
C GLU B 133 11.14 -12.88 -13.99
N HIS B 134 11.56 -13.93 -14.72
CA HIS B 134 10.60 -14.93 -15.15
C HIS B 134 9.22 -14.29 -14.94
N GLY B 135 8.94 -13.25 -15.74
CA GLY B 135 7.65 -12.56 -15.71
C GLY B 135 7.54 -11.17 -15.09
N LYS B 136 8.60 -10.69 -14.41
CA LYS B 136 8.55 -9.42 -13.68
C LYS B 136 9.23 -8.25 -14.40
N ALA B 137 8.72 -7.05 -14.15
CA ALA B 137 9.29 -5.88 -14.83
C ALA B 137 10.64 -5.55 -14.14
N ILE B 138 11.54 -5.05 -14.98
CA ILE B 138 12.83 -4.57 -14.59
C ILE B 138 12.70 -3.10 -14.26
N PHE B 139 13.22 -2.71 -13.10
CA PHE B 139 13.12 -1.35 -12.64
C PHE B 139 14.39 -0.59 -12.99
N ASP B 140 14.37 0.70 -12.70
CA ASP B 140 15.45 1.61 -13.02
C ASP B 140 15.46 2.67 -11.91
N THR B 141 16.62 3.20 -11.55
CA THR B 141 16.59 4.33 -10.63
C THR B 141 16.83 5.68 -11.35
N VAL B 142 15.72 6.41 -11.48
CA VAL B 142 15.72 7.77 -11.93
C VAL B 142 15.03 8.62 -10.88
N ASP B 143 15.72 9.70 -10.54
CA ASP B 143 15.14 10.69 -9.63
C ASP B 143 14.00 11.38 -10.34
N ILE B 144 12.83 11.17 -9.78
CA ILE B 144 11.63 11.81 -10.28
C ILE B 144 11.84 13.29 -10.60
N CYS B 145 12.59 13.98 -9.76
CA CYS B 145 12.83 15.40 -9.96
C CYS B 145 13.64 15.66 -11.26
N ALA B 146 14.49 14.72 -11.66
CA ALA B 146 15.24 14.89 -12.89
C ALA B 146 14.28 14.72 -14.08
N THR B 147 13.50 13.65 -14.02
CA THR B 147 12.38 13.55 -14.93
C THR B 147 11.59 14.86 -14.99
N TRP B 148 11.34 15.46 -13.82
CA TRP B 148 10.53 16.67 -13.77
C TRP B 148 11.15 17.84 -14.49
N GLU B 149 12.37 18.24 -14.03
CA GLU B 149 13.12 19.24 -14.81
C GLU B 149 12.99 19.00 -16.32
N ALA B 150 13.07 17.75 -16.75
CA ALA B 150 13.12 17.45 -18.20
C ALA B 150 11.79 17.83 -18.85
N MET B 151 10.72 17.67 -18.08
CA MET B 151 9.36 17.98 -18.46
C MET B 151 9.14 19.48 -18.58
N GLU B 152 9.64 20.20 -17.60
CA GLU B 152 9.70 21.65 -17.66
C GLU B 152 10.34 22.13 -18.99
N LYS B 153 11.36 21.45 -19.47
CA LYS B 153 12.02 21.89 -20.73
C LYS B 153 11.12 21.65 -21.94
N CYS B 154 10.26 20.65 -21.79
CA CYS B 154 9.26 20.36 -22.77
C CYS B 154 8.22 21.48 -22.83
N LYS B 155 7.74 21.94 -21.64
CA LYS B 155 6.95 23.18 -21.57
C LYS B 155 7.64 24.39 -22.22
N ASP B 156 8.86 24.70 -21.77
CA ASP B 156 9.64 25.82 -22.32
C ASP B 156 9.84 25.70 -23.81
N ALA B 157 9.97 24.48 -24.28
CA ALA B 157 10.10 24.22 -25.69
C ALA B 157 8.80 24.50 -26.47
N GLY B 158 7.68 24.64 -25.76
CA GLY B 158 6.41 24.84 -26.41
C GLY B 158 5.78 23.52 -26.85
N LEU B 159 6.38 22.40 -26.42
CA LEU B 159 5.92 21.08 -26.80
C LEU B 159 4.70 20.60 -26.05
N ALA B 160 4.62 20.96 -24.79
CA ALA B 160 3.46 20.69 -24.02
C ALA B 160 3.04 22.03 -23.48
N LYS B 161 1.79 22.41 -23.68
CA LYS B 161 1.36 23.66 -23.08
C LYS B 161 1.38 23.55 -21.52
N SER B 162 1.03 22.37 -20.99
CA SER B 162 1.04 22.20 -19.48
C SER B 162 1.72 20.91 -19.06
N ILE B 163 2.17 20.81 -17.80
CA ILE B 163 2.83 19.58 -17.41
C ILE B 163 2.34 19.10 -16.06
N GLY B 164 2.30 17.79 -15.89
CA GLY B 164 1.78 17.27 -14.63
C GLY B 164 2.18 15.84 -14.41
N VAL B 165 1.48 15.20 -13.47
CA VAL B 165 1.80 13.86 -13.09
C VAL B 165 0.54 13.01 -12.92
N SER B 166 0.73 11.74 -12.59
CA SER B 166 -0.35 10.77 -12.63
C SER B 166 0.04 9.69 -11.68
N ASN B 167 -0.89 9.29 -10.80
CA ASN B 167 -0.59 8.18 -9.92
C ASN B 167 0.51 8.51 -8.91
N PHE B 168 0.63 9.78 -8.56
CA PHE B 168 1.61 10.12 -7.54
C PHE B 168 0.87 10.12 -6.20
N ASN B 169 1.53 9.74 -5.12
CA ASN B 169 0.92 9.99 -3.82
C ASN B 169 1.41 11.35 -3.25
N ARG B 170 0.85 11.72 -2.11
CA ARG B 170 1.25 12.98 -1.44
C ARG B 170 2.77 13.22 -1.31
N ARG B 171 3.52 12.21 -0.90
CA ARG B 171 4.94 12.44 -0.71
C ARG B 171 5.62 12.65 -2.08
N GLN B 172 5.22 11.92 -3.09
CA GLN B 172 5.85 12.12 -4.39
C GLN B 172 5.53 13.52 -4.91
N LEU B 173 4.33 14.00 -4.63
CA LEU B 173 3.97 15.41 -4.91
C LEU B 173 4.81 16.45 -4.13
N GLU B 174 4.99 16.24 -2.83
CA GLU B 174 5.82 17.17 -2.06
C GLU B 174 7.24 17.11 -2.61
N MET B 175 7.64 15.93 -3.09
CA MET B 175 8.97 15.78 -3.67
C MET B 175 9.19 16.83 -4.78
N ILE B 176 8.26 16.92 -5.73
CA ILE B 176 8.49 17.87 -6.82
C ILE B 176 8.32 19.26 -6.29
N LEU B 177 7.22 19.48 -5.58
CA LEU B 177 6.94 20.79 -5.05
C LEU B 177 8.16 21.39 -4.29
N ASN B 178 8.96 20.52 -3.70
CA ASN B 178 9.92 20.95 -2.68
C ASN B 178 11.30 21.10 -3.29
N LYS B 179 11.37 20.70 -4.53
CA LYS B 179 12.59 20.71 -5.34
C LYS B 179 13.24 22.11 -5.55
N PRO B 180 14.51 22.21 -5.09
CA PRO B 180 15.35 23.38 -5.41
C PRO B 180 15.32 23.82 -6.86
N GLY B 181 15.06 25.13 -7.04
CA GLY B 181 15.01 25.69 -8.38
C GLY B 181 13.78 25.26 -9.13
N LEU B 182 12.75 24.81 -8.38
CA LEU B 182 11.49 24.43 -9.04
C LEU B 182 10.96 25.56 -9.93
N LYS B 183 10.82 25.29 -11.21
CA LYS B 183 10.31 26.29 -12.13
C LYS B 183 8.79 26.14 -12.30
N TYR B 184 8.31 24.93 -12.58
CA TYR B 184 6.86 24.73 -12.82
C TYR B 184 6.23 23.69 -11.91
N LYS B 185 5.15 24.05 -11.26
CA LYS B 185 4.47 23.00 -10.48
C LYS B 185 3.67 22.11 -11.41
N PRO B 186 3.52 20.84 -11.08
CA PRO B 186 2.63 19.99 -11.88
C PRO B 186 1.20 20.57 -11.74
N VAL B 187 0.51 20.76 -12.87
CA VAL B 187 -0.83 21.33 -12.85
C VAL B 187 -1.93 20.38 -12.45
N CYS B 188 -1.67 19.07 -12.53
CA CYS B 188 -2.67 18.07 -12.12
C CYS B 188 -1.99 16.86 -11.60
N ASN B 189 -2.76 16.10 -10.83
CA ASN B 189 -2.42 14.75 -10.48
C ASN B 189 -3.58 13.90 -10.96
N GLN B 190 -3.36 13.13 -12.01
CA GLN B 190 -4.39 12.24 -12.53
C GLN B 190 -4.37 10.94 -11.71
N VAL B 191 -5.54 10.53 -11.21
CA VAL B 191 -5.46 9.32 -10.40
C VAL B 191 -6.75 8.58 -10.62
N GLU B 192 -6.77 7.28 -10.41
CA GLU B 192 -8.06 6.63 -10.12
C GLU B 192 -8.93 7.35 -9.02
N CYS B 193 -10.17 7.67 -9.37
CA CYS B 193 -11.13 8.30 -8.47
C CYS B 193 -12.57 7.87 -8.80
N HIS B 194 -13.30 7.43 -7.78
CA HIS B 194 -14.70 6.97 -7.92
C HIS B 194 -15.22 6.66 -6.53
N PRO B 195 -16.52 6.43 -6.37
CA PRO B 195 -17.10 6.36 -5.04
C PRO B 195 -16.54 5.21 -4.27
N TYR B 196 -15.87 4.27 -4.92
CA TYR B 196 -15.20 3.24 -4.10
C TYR B 196 -13.80 3.61 -3.62
N LEU B 197 -13.25 4.68 -4.16
CA LEU B 197 -11.92 5.17 -3.83
C LEU B 197 -12.06 6.64 -4.13
N ASN B 198 -12.65 7.39 -3.21
CA ASN B 198 -13.01 8.77 -3.54
C ASN B 198 -11.85 9.74 -3.41
N GLN B 199 -10.71 9.25 -3.00
CA GLN B 199 -9.51 10.10 -2.88
C GLN B 199 -9.71 11.36 -2.01
N GLY B 200 -10.50 11.25 -0.94
CA GLY B 200 -10.83 12.46 -0.23
C GLY B 200 -9.56 13.17 0.24
N LYS B 201 -8.68 12.43 0.97
CA LYS B 201 -7.49 13.06 1.60
C LYS B 201 -6.54 13.65 0.59
N LEU B 202 -6.28 12.87 -0.48
CA LEU B 202 -5.44 13.35 -1.57
C LEU B 202 -6.10 14.54 -2.28
N LEU B 203 -7.43 14.55 -2.26
CA LEU B 203 -8.15 15.65 -2.92
C LEU B 203 -7.86 16.94 -2.23
N GLU B 204 -8.04 16.90 -0.93
CA GLU B 204 -7.76 18.03 -0.09
C GLU B 204 -6.30 18.41 -0.40
N PHE B 205 -5.41 17.43 -0.45
CA PHE B 205 -4.04 17.83 -0.47
C PHE B 205 -3.82 18.59 -1.74
N CYS B 206 -4.27 18.00 -2.89
CA CYS B 206 -4.02 18.67 -4.13
C CYS B 206 -4.58 20.06 -4.09
N LYS B 207 -5.80 20.22 -3.58
CA LYS B 207 -6.40 21.55 -3.62
C LYS B 207 -5.59 22.59 -2.84
N SER B 208 -5.23 22.27 -1.60
CA SER B 208 -4.45 23.17 -0.77
C SER B 208 -3.15 23.58 -1.50
N LYS B 209 -2.72 22.75 -2.44
CA LYS B 209 -1.48 23.03 -3.15
C LYS B 209 -1.74 23.58 -4.56
N GLY B 210 -3.01 23.75 -4.92
CA GLY B 210 -3.33 24.36 -6.21
C GLY B 210 -3.19 23.37 -7.32
N ILE B 211 -3.21 22.08 -6.98
CA ILE B 211 -3.07 21.02 -7.98
C ILE B 211 -4.43 20.42 -8.41
N VAL B 212 -4.68 20.35 -9.72
CA VAL B 212 -5.92 19.73 -10.20
C VAL B 212 -5.86 18.19 -10.11
N LEU B 213 -6.90 17.61 -9.50
CA LEU B 213 -7.06 16.16 -9.41
C LEU B 213 -7.95 15.82 -10.61
N VAL B 214 -7.44 14.96 -11.50
CA VAL B 214 -8.19 14.48 -12.70
C VAL B 214 -8.44 13.02 -12.48
N ALA B 215 -9.70 12.58 -12.59
CA ALA B 215 -10.03 11.21 -12.09
C ALA B 215 -10.17 10.26 -13.30
N TYR B 216 -9.52 9.10 -13.22
CA TYR B 216 -9.75 8.05 -14.13
C TYR B 216 -10.47 6.87 -13.51
N SER B 217 -10.93 5.95 -14.37
CA SER B 217 -11.78 4.84 -13.89
C SER B 217 -12.92 5.39 -13.03
N ALA B 218 -13.41 6.57 -13.42
CA ALA B 218 -14.47 7.21 -12.67
C ALA B 218 -15.78 6.45 -12.86
N LEU B 219 -15.86 5.59 -13.88
CA LEU B 219 -17.01 4.71 -14.06
C LEU B 219 -16.73 3.28 -13.64
N GLY B 220 -15.53 3.03 -13.11
CA GLY B 220 -15.30 1.70 -12.56
C GLY B 220 -14.27 0.87 -13.30
N SER B 221 -13.66 1.52 -14.29
CA SER B 221 -12.62 0.93 -15.16
C SER B 221 -13.25 -0.11 -16.08
N HIS B 222 -12.43 -0.65 -17.01
CA HIS B 222 -12.78 -1.83 -17.80
C HIS B 222 -12.78 -3.14 -17.01
N ARG B 223 -12.23 -3.11 -15.81
CA ARG B 223 -12.10 -4.31 -15.00
C ARG B 223 -11.31 -5.44 -15.69
N GLU B 224 -10.06 -5.14 -16.06
CA GLU B 224 -9.12 -6.18 -16.48
C GLU B 224 -8.19 -6.79 -15.42
N PRO B 225 -7.23 -7.57 -15.93
CA PRO B 225 -7.50 -8.97 -16.31
C PRO B 225 -8.25 -9.84 -15.30
N SER B 231 -13.35 -10.13 -8.97
CA SER B 231 -13.87 -9.96 -7.61
C SER B 231 -14.07 -8.49 -7.24
N ALA B 232 -13.56 -7.59 -8.07
CA ALA B 232 -13.80 -6.17 -7.87
C ALA B 232 -15.30 -5.90 -7.98
N PRO B 233 -15.88 -5.18 -7.02
CA PRO B 233 -17.25 -4.72 -7.15
C PRO B 233 -17.40 -4.00 -8.52
N VAL B 234 -18.63 -3.96 -8.98
CA VAL B 234 -18.93 -3.26 -10.22
C VAL B 234 -19.58 -1.95 -9.90
N LEU B 235 -18.80 -0.86 -9.99
CA LEU B 235 -19.35 0.44 -9.65
C LEU B 235 -20.76 0.76 -10.23
N LEU B 236 -20.96 0.68 -11.55
CA LEU B 236 -22.26 1.09 -12.12
C LEU B 236 -23.46 0.18 -11.77
N GLU B 237 -23.24 -0.97 -11.11
CA GLU B 237 -24.38 -1.78 -10.67
C GLU B 237 -24.57 -1.61 -9.15
N ASP B 238 -23.86 -0.68 -8.56
CA ASP B 238 -24.04 -0.44 -7.13
C ASP B 238 -25.48 -0.03 -6.80
N PRO B 239 -26.13 -0.82 -5.94
CA PRO B 239 -27.53 -0.52 -5.54
C PRO B 239 -27.80 0.92 -5.11
N LEU B 240 -26.85 1.51 -4.38
CA LEU B 240 -27.07 2.87 -3.90
C LEU B 240 -26.92 3.83 -5.08
N ILE B 241 -25.92 3.61 -5.88
CA ILE B 241 -25.84 4.43 -7.06
C ILE B 241 -27.06 4.18 -7.99
N GLY B 242 -27.55 2.95 -7.97
CA GLY B 242 -28.71 2.64 -8.81
C GLY B 242 -29.90 3.46 -8.35
N ALA B 243 -30.20 3.38 -7.06
CA ALA B 243 -31.23 4.21 -6.46
C ALA B 243 -31.06 5.65 -6.92
N LEU B 244 -29.93 6.26 -6.58
CA LEU B 244 -29.74 7.66 -6.89
C LEU B 244 -29.98 7.85 -8.36
N ALA B 245 -29.45 6.97 -9.22
CA ALA B 245 -29.69 7.23 -10.64
C ALA B 245 -31.16 7.44 -10.86
N LYS B 246 -31.98 6.58 -10.23
CA LYS B 246 -33.44 6.60 -10.42
C LYS B 246 -34.12 7.80 -9.75
N LYS B 247 -33.67 8.18 -8.56
CA LYS B 247 -34.14 9.42 -7.95
C LYS B 247 -33.99 10.64 -8.89
N HIS B 248 -32.94 10.71 -9.69
CA HIS B 248 -32.74 11.91 -10.53
C HIS B 248 -33.14 11.64 -11.99
N GLN B 249 -33.69 10.46 -12.23
CA GLN B 249 -33.92 10.05 -13.61
C GLN B 249 -32.69 10.26 -14.45
N GLN B 250 -31.57 9.74 -13.95
CA GLN B 250 -30.34 9.77 -14.74
C GLN B 250 -29.87 8.33 -15.00
N THR B 251 -28.61 8.10 -15.28
CA THR B 251 -28.13 6.74 -15.21
C THR B 251 -27.09 6.67 -14.10
N PRO B 252 -26.70 5.47 -13.74
CA PRO B 252 -25.51 5.25 -12.89
C PRO B 252 -24.25 6.06 -13.28
N ALA B 253 -23.94 6.03 -14.58
CA ALA B 253 -22.69 6.54 -15.10
C ALA B 253 -22.75 8.00 -14.85
N LEU B 254 -23.94 8.56 -15.09
CA LEU B 254 -24.14 10.00 -14.90
C LEU B 254 -23.99 10.45 -13.44
N ILE B 255 -24.56 9.68 -12.50
CA ILE B 255 -24.36 9.97 -11.06
C ILE B 255 -22.88 9.97 -10.77
N ALA B 256 -22.17 8.94 -11.21
CA ALA B 256 -20.74 8.87 -10.90
C ALA B 256 -19.94 10.01 -11.50
N LEU B 257 -20.23 10.37 -12.75
CA LEU B 257 -19.53 11.49 -13.38
C LEU B 257 -19.90 12.79 -12.60
N ARG B 258 -21.18 12.97 -12.30
CA ARG B 258 -21.59 14.20 -11.64
C ARG B 258 -20.98 14.34 -10.22
N TYR B 259 -20.81 13.22 -9.52
CA TYR B 259 -20.26 13.23 -8.14
C TYR B 259 -18.87 13.89 -8.21
N GLN B 260 -18.09 13.52 -9.23
CA GLN B 260 -16.72 14.07 -9.33
C GLN B 260 -16.69 15.55 -9.66
N LEU B 261 -17.62 15.95 -10.51
CA LEU B 261 -17.62 17.33 -10.99
C LEU B 261 -17.96 18.29 -9.83
N GLN B 262 -18.81 17.83 -8.92
CA GLN B 262 -19.22 18.64 -7.75
C GLN B 262 -18.19 18.69 -6.61
N ARG B 263 -17.07 18.00 -6.83
CA ARG B 263 -15.95 18.04 -5.94
C ARG B 263 -14.76 18.82 -6.52
N GLY B 264 -15.01 19.56 -7.59
CA GLY B 264 -13.94 20.22 -8.33
C GLY B 264 -12.97 19.24 -8.96
N ILE B 265 -13.38 18.01 -9.16
CA ILE B 265 -12.50 17.08 -9.86
C ILE B 265 -12.75 17.21 -11.38
N VAL B 266 -11.68 17.12 -12.20
CA VAL B 266 -11.81 17.00 -13.67
C VAL B 266 -11.90 15.53 -13.92
N VAL B 267 -12.99 15.14 -14.56
CA VAL B 267 -13.31 13.74 -14.64
C VAL B 267 -13.24 13.19 -16.08
N LEU B 268 -12.61 12.02 -16.22
CA LEU B 268 -12.50 11.41 -17.59
C LEU B 268 -13.67 10.43 -17.66
N ALA B 269 -14.02 10.10 -18.91
CA ALA B 269 -15.04 9.12 -19.25
C ALA B 269 -14.71 8.52 -20.59
N LYS B 270 -14.41 7.23 -20.55
CA LYS B 270 -14.13 6.50 -21.74
C LYS B 270 -15.40 5.74 -22.12
N SER B 271 -15.86 5.96 -23.34
CA SER B 271 -16.81 5.12 -24.04
C SER B 271 -16.52 5.16 -25.55
N PHE B 272 -16.52 3.99 -26.17
CA PHE B 272 -16.52 3.90 -27.65
C PHE B 272 -17.91 3.52 -28.16
N THR B 273 -18.90 3.78 -27.32
CA THR B 273 -20.30 3.62 -27.71
C THR B 273 -20.99 4.98 -27.89
N GLU B 274 -21.34 5.26 -29.14
CA GLU B 274 -21.96 6.51 -29.55
C GLU B 274 -23.00 7.00 -28.52
N LYS B 275 -24.04 6.22 -28.27
CA LYS B 275 -25.06 6.63 -27.30
C LYS B 275 -24.44 6.95 -25.92
N ARG B 276 -23.49 6.13 -25.49
CA ARG B 276 -22.86 6.43 -24.21
C ARG B 276 -22.10 7.73 -24.32
N ILE B 277 -21.47 7.95 -25.47
CA ILE B 277 -20.63 9.12 -25.59
C ILE B 277 -21.49 10.35 -25.28
N LYS B 278 -22.63 10.39 -25.95
CA LYS B 278 -23.64 11.45 -25.85
C LYS B 278 -24.29 11.52 -24.51
N GLU B 279 -24.48 10.38 -23.87
CA GLU B 279 -25.06 10.36 -22.52
C GLU B 279 -24.05 10.92 -21.52
N ASN B 280 -22.79 10.58 -21.73
CA ASN B 280 -21.77 11.05 -20.83
C ASN B 280 -21.67 12.58 -20.75
N ILE B 281 -21.75 13.26 -21.88
CA ILE B 281 -21.64 14.71 -21.80
C ILE B 281 -22.90 15.36 -21.15
N GLN B 282 -23.95 14.58 -20.95
CA GLN B 282 -25.14 15.18 -20.41
C GLN B 282 -24.95 15.36 -18.87
N VAL B 283 -23.76 15.04 -18.35
CA VAL B 283 -23.52 15.10 -16.91
C VAL B 283 -23.71 16.56 -16.52
N PHE B 284 -23.72 17.45 -17.51
CA PHE B 284 -23.81 18.88 -17.25
C PHE B 284 -25.24 19.33 -17.19
N GLU B 285 -26.18 18.41 -17.38
CA GLU B 285 -27.57 18.80 -17.45
C GLU B 285 -28.37 18.54 -16.15
N PHE B 286 -27.68 18.23 -15.06
CA PHE B 286 -28.38 18.03 -13.76
C PHE B 286 -27.42 18.17 -12.57
N GLN B 287 -27.96 18.25 -11.36
CA GLN B 287 -27.13 18.48 -10.13
C GLN B 287 -27.54 17.57 -8.96
N LEU B 288 -26.58 17.28 -8.07
CA LEU B 288 -26.80 16.35 -7.01
C LEU B 288 -26.90 17.16 -5.72
N PRO B 289 -27.96 16.96 -4.97
CA PRO B 289 -28.10 17.73 -3.72
C PRO B 289 -26.98 17.35 -2.75
N SER B 290 -26.58 18.31 -1.96
CA SER B 290 -25.65 18.03 -0.86
C SER B 290 -25.80 16.68 -0.16
N GLU B 291 -27.02 16.35 0.24
CA GLU B 291 -27.13 15.22 1.18
C GLU B 291 -26.89 13.91 0.44
N ASP B 292 -27.04 13.96 -0.88
CA ASP B 292 -26.74 12.93 -1.90
C ASP B 292 -25.23 12.78 -2.20
N MET B 293 -24.53 13.91 -2.22
CA MET B 293 -23.09 13.86 -2.16
C MET B 293 -22.60 13.07 -0.93
N LYS B 294 -23.10 13.44 0.28
CA LYS B 294 -22.69 12.73 1.48
C LYS B 294 -23.04 11.24 1.39
N VAL B 295 -24.15 10.91 0.74
CA VAL B 295 -24.51 9.51 0.68
C VAL B 295 -23.48 8.78 -0.19
N ILE B 296 -23.11 9.37 -1.34
CA ILE B 296 -22.18 8.70 -2.22
C ILE B 296 -20.83 8.58 -1.53
N ASP B 297 -20.53 9.56 -0.65
CA ASP B 297 -19.28 9.53 0.11
C ASP B 297 -19.19 8.22 0.90
N SER B 298 -20.34 7.70 1.34
CA SER B 298 -20.39 6.58 2.27
C SER B 298 -19.97 5.29 1.60
N LEU B 299 -19.86 5.36 0.26
CA LEU B 299 -19.50 4.22 -0.63
C LEU B 299 -17.97 3.96 -0.77
N ASN B 300 -17.14 5.03 -0.64
CA ASN B 300 -15.65 4.80 -0.31
C ASN B 300 -15.27 3.57 0.61
N ARG B 301 -14.27 2.83 0.12
CA ARG B 301 -13.82 1.60 0.78
C ARG B 301 -12.38 1.27 0.45
N ASN B 302 -11.63 2.32 0.10
CA ASN B 302 -10.34 2.22 -0.60
C ASN B 302 -10.15 1.00 -1.54
N PHE B 303 -11.12 0.75 -2.42
CA PHE B 303 -10.89 -0.28 -3.42
C PHE B 303 -10.22 0.25 -4.73
N ARG B 304 -9.09 -0.37 -5.10
CA ARG B 304 -8.33 0.00 -6.31
C ARG B 304 -8.57 -0.94 -7.53
N TYR B 305 -9.16 -0.42 -8.57
CA TYR B 305 -9.11 -1.15 -9.85
C TYR B 305 -7.70 -1.20 -10.38
N VAL B 306 -7.02 -0.07 -10.31
CA VAL B 306 -5.69 -0.04 -10.83
C VAL B 306 -4.54 -0.09 -9.83
N THR B 307 -3.96 -1.30 -9.68
CA THR B 307 -2.94 -1.57 -8.66
C THR B 307 -1.52 -1.44 -9.15
N ALA B 308 -1.35 -1.35 -10.47
CA ALA B 308 -0.07 -1.33 -11.10
C ALA B 308 0.85 -2.39 -10.54
N ASP B 309 0.40 -3.64 -10.62
CA ASP B 309 1.11 -4.73 -9.98
C ASP B 309 2.57 -4.80 -10.37
N PHE B 310 2.83 -4.50 -11.65
CA PHE B 310 4.14 -4.64 -12.23
C PHE B 310 5.15 -3.76 -11.49
N ALA B 311 4.67 -2.70 -10.81
CA ALA B 311 5.54 -1.79 -10.08
C ALA B 311 5.68 -2.20 -8.61
N ILE B 312 5.00 -3.25 -8.18
CA ILE B 312 5.08 -3.69 -6.79
C ILE B 312 6.51 -4.17 -6.66
N GLY B 313 7.19 -3.78 -5.57
CA GLY B 313 8.62 -4.03 -5.43
C GLY B 313 9.52 -2.88 -5.87
N HIS B 314 8.88 -1.90 -6.55
CA HIS B 314 9.62 -0.73 -6.98
C HIS B 314 9.57 0.31 -5.89
N PRO B 315 10.71 0.91 -5.52
CA PRO B 315 10.77 1.75 -4.30
C PRO B 315 9.80 2.93 -4.34
N ASN B 316 9.46 3.37 -5.56
CA ASN B 316 8.51 4.47 -5.75
C ASN B 316 7.02 3.99 -5.94
N TYR B 317 6.79 2.71 -5.71
CA TYR B 317 5.38 2.26 -5.78
C TYR B 317 4.45 3.25 -5.02
N PRO B 318 3.51 3.89 -5.73
CA PRO B 318 2.71 4.96 -5.09
C PRO B 318 1.66 4.55 -4.09
N PHE B 319 1.23 3.30 -4.14
CA PHE B 319 -0.03 2.99 -3.44
C PHE B 319 0.12 2.39 -2.01
N SER B 320 1.35 2.36 -1.50
CA SER B 320 1.56 1.89 -0.12
C SER B 320 1.14 2.90 0.93
N ASP B 321 1.48 4.17 0.69
CA ASP B 321 1.11 5.22 1.63
C ASP B 321 -0.39 5.37 1.74
N GLU B 322 -0.85 5.81 2.89
CA GLU B 322 -2.25 6.08 3.09
C GLU B 322 -2.81 6.85 1.89
N TYR B 323 -2.20 8.00 1.62
CA TYR B 323 -2.47 8.74 0.40
C TYR B 323 -1.23 9.59 0.13
S SO4 C . -4.29 -26.79 21.35
O1 SO4 C . -3.65 -26.94 22.66
O2 SO4 C . -3.32 -26.03 20.50
O3 SO4 C . -4.49 -28.14 20.78
O4 SO4 C . -5.50 -26.01 21.47
PA NAP D . 13.99 -4.77 16.27
O1A NAP D . 13.95 -4.68 17.75
O2A NAP D . 14.20 -6.19 15.76
O5B NAP D . 15.20 -3.88 15.72
C5B NAP D . 15.10 -3.00 14.61
C4B NAP D . 16.28 -2.04 14.53
O4B NAP D . 17.51 -2.67 14.89
C3B NAP D . 16.46 -1.60 13.07
O3B NAP D . 16.64 -0.19 13.08
C2B NAP D . 17.64 -2.42 12.56
O2B NAP D . 18.37 -1.68 11.69
C1B NAP D . 18.45 -2.57 13.87
N9A NAP D . 19.30 -3.79 13.75
C8A NAP D . 18.92 -5.02 13.20
N7A NAP D . 19.99 -5.85 13.31
C5A NAP D . 21.05 -5.16 13.79
C6A NAP D . 22.33 -5.55 14.11
N6A NAP D . 22.65 -6.84 14.10
N1A NAP D . 23.14 -4.60 14.76
C2A NAP D . 22.73 -3.29 15.06
N3A NAP D . 21.44 -2.91 14.73
C4A NAP D . 20.63 -3.85 14.12
O3 NAP D . 12.77 -3.95 15.62
PN NAP D . 11.18 -4.17 15.78
O1N NAP D . 10.74 -3.58 17.14
O2N NAP D . 10.59 -3.69 14.55
O5D NAP D . 10.98 -5.74 16.06
C5D NAP D . 11.25 -6.74 15.07
C4D NAP D . 9.96 -7.32 14.52
O4D NAP D . 8.94 -7.65 15.46
C3D NAP D . 9.29 -6.38 13.51
O3D NAP D . 9.91 -6.40 12.27
C2D NAP D . 7.86 -6.88 13.49
O2D NAP D . 7.90 -7.96 12.66
C1D NAP D . 7.65 -7.46 14.92
N1N NAP D . 6.85 -6.54 15.71
C2N NAP D . 5.58 -6.91 16.06
C3N NAP D . 4.82 -6.03 16.81
C7N NAP D . 3.52 -6.47 17.37
O7N NAP D . 2.64 -5.44 17.71
N7N NAP D . 3.22 -7.76 17.58
C4N NAP D . 5.33 -4.79 17.20
C5N NAP D . 6.65 -4.45 16.90
C6N NAP D . 7.38 -5.34 16.11
P2B NAP D . 18.34 -1.93 10.05
O1X NAP D . 17.09 -2.54 9.60
O2X NAP D . 18.52 -0.58 9.45
O3X NAP D . 19.43 -2.96 9.83
C1 TES E . 1.96 -1.31 15.96
C2 TES E . 2.43 -2.75 16.22
C3 TES E . 3.51 -3.19 15.21
O3 TES E . 3.70 -4.38 14.91
C4 TES E . 4.36 -2.15 14.60
C5 TES E . 4.18 -0.83 14.89
C6 TES E . 5.08 0.14 14.19
C7 TES E . 5.27 1.53 14.97
C8 TES E . 4.05 2.01 15.74
C9 TES E . 2.81 1.13 15.58
C10 TES E . 3.15 -0.34 15.90
C11 TES E . 1.67 1.71 16.45
C12 TES E . 1.32 3.15 16.02
C13 TES E . 2.58 4.01 16.13
C14 TES E . 3.66 3.40 15.27
C15 TES E . 4.76 4.47 15.19
C16 TES E . 4.07 5.77 15.60
C17 TES E . 2.56 5.43 15.58
O17 TES E . 1.82 6.30 16.43
C18 TES E . 3.03 4.05 17.61
C19 TES E . 3.87 -0.34 17.25
PA NAP F . -13.95 4.25 -17.42
O1A NAP F . -13.98 4.34 -15.85
O2A NAP F . -14.02 5.65 -18.06
O5B NAP F . -15.09 3.25 -17.89
C5B NAP F . -14.94 2.43 -19.00
C4B NAP F . -16.03 1.40 -19.15
O4B NAP F . -17.33 1.87 -18.85
C3B NAP F . -16.06 1.03 -20.61
O3B NAP F . -16.23 -0.36 -20.54
C2B NAP F . -17.27 1.72 -21.23
O2B NAP F . -17.95 1.00 -22.21
C1B NAP F . -18.18 1.82 -20.02
N9A NAP F . -19.02 3.02 -20.07
C8A NAP F . -18.61 4.30 -20.33
N7A NAP F . -19.72 5.09 -20.22
C5A NAP F . -20.81 4.36 -19.84
C6A NAP F . -22.17 4.65 -19.63
N6A NAP F . -22.65 5.92 -19.57
N1A NAP F . -23.04 3.62 -19.35
C2A NAP F . -22.59 2.31 -19.23
N3A NAP F . -21.27 2.03 -19.46
C4A NAP F . -20.38 3.03 -19.76
O3 NAP F . -12.67 3.44 -17.90
PN NAP F . -11.13 3.79 -17.75
O1N NAP F . -10.56 3.01 -16.65
O2N NAP F . -10.61 3.49 -19.10
O5D NAP F . -10.95 5.37 -17.33
C5D NAP F . -11.23 6.41 -18.28
C4D NAP F . -9.97 7.01 -18.91
O4D NAP F . -8.99 7.42 -17.96
C3D NAP F . -9.22 6.05 -19.87
O3D NAP F . -9.77 6.09 -21.14
C2D NAP F . -7.81 6.58 -19.84
O2D NAP F . -7.74 7.71 -20.63
C1D NAP F . -7.67 7.17 -18.41
N1N NAP F . -6.89 6.28 -17.56
C2N NAP F . -5.70 6.75 -17.05
C3N NAP F . -4.94 5.96 -16.17
C7N NAP F . -3.59 6.45 -15.77
O7N NAP F . -2.60 5.47 -15.64
N7N NAP F . -3.35 7.75 -15.49
C4N NAP F . -5.33 4.67 -15.86
C5N NAP F . -6.55 4.22 -16.36
C6N NAP F . -7.30 5.03 -17.24
P2B NAP F . -17.95 1.23 -23.87
O1X NAP F . -16.66 1.80 -24.30
O2X NAP F . -18.03 -0.19 -24.35
O3X NAP F . -19.13 2.12 -24.24
#